data_3LSL
#
_entry.id   3LSL
#
_cell.length_a   47.528
_cell.length_b   114.343
_cell.length_c   163.829
_cell.angle_alpha   90.00
_cell.angle_beta   90.00
_cell.angle_gamma   90.00
#
_symmetry.space_group_name_H-M   'P 2 21 21'
#
loop_
_entity.id
_entity.type
_entity.pdbx_description
1 polymer 'Glutamate receptor 2'
2 non-polymer 'GLUTAMIC ACID'
3 non-polymer 2-(2-oxopyrrolidin-1-yl)acetamide
4 non-polymer 'ZINC ION'
5 water water
#
_entity_poly.entity_id   1
_entity_poly.type   'polypeptide(L)'
_entity_poly.pdbx_seq_one_letter_code
;KTVVVTTILESPYVMMKKNHEMLEGNERYEGYCVDLAAEIAKHCGFKYKLTIVGDGKYGARDADTKIWNGMVGELVYGKA
DIAIAPLTITLVREEVIDFSKPFMSLGISIMIKKGTPIESAEDLSKQTEIAYGTLDSGSTKEFFRRSKIAVFDKMWTYMR
SAEPSVFVRTTAEGVARVRKSKGKYAYLLESTMNEYIEQRKPCDTMKVGGNLDSKGYGIATPKGSSLGNAVNLAVLKLNE
QGLLDKLKNKWWYDKGEC
;
_entity_poly.pdbx_strand_id   A,D,G
#
loop_
_chem_comp.id
_chem_comp.type
_chem_comp.name
_chem_comp.formula
PZI non-polymer 2-(2-oxopyrrolidin-1-yl)acetamide 'C6 H10 N2 O2'
ZN non-polymer 'ZINC ION' 'Zn 2'
#
# COMPACT_ATOMS: atom_id res chain seq x y z
N LYS A 1 -33.55 -2.46 24.91
CA LYS A 1 -32.99 -3.75 25.32
C LYS A 1 -31.51 -3.69 25.74
N THR A 2 -31.15 -4.55 26.68
CA THR A 2 -29.79 -4.64 27.22
C THR A 2 -28.79 -5.25 26.23
N VAL A 3 -27.68 -4.57 26.04
CA VAL A 3 -26.68 -4.97 25.07
C VAL A 3 -25.71 -5.99 25.68
N VAL A 4 -25.59 -7.16 25.04
CA VAL A 4 -24.58 -8.16 25.44
C VAL A 4 -23.22 -7.79 24.83
N VAL A 5 -22.30 -7.38 25.69
CA VAL A 5 -20.94 -7.06 25.29
C VAL A 5 -20.06 -8.25 25.59
N THR A 6 -19.39 -8.78 24.57
CA THR A 6 -18.42 -9.86 24.80
C THR A 6 -17.04 -9.25 24.96
N THR A 7 -16.33 -9.68 25.98
CA THR A 7 -14.97 -9.20 26.20
C THR A 7 -14.03 -10.31 26.68
N ILE A 8 -12.78 -9.96 26.93
CA ILE A 8 -11.77 -10.93 27.35
C ILE A 8 -11.00 -10.37 28.56
N LEU A 9 -10.55 -11.25 29.46
CA LEU A 9 -9.78 -10.82 30.61
C LEU A 9 -8.32 -10.70 30.19
N GLU A 10 -7.87 -9.45 30.08
CA GLU A 10 -6.52 -9.14 29.58
C GLU A 10 -6.12 -7.78 30.17
N SER A 11 -5.12 -7.79 31.04
CA SER A 11 -4.67 -6.56 31.71
C SER A 11 -3.94 -5.66 30.72
N PRO A 12 -4.16 -4.33 30.84
CA PRO A 12 -5.09 -3.68 31.79
C PRO A 12 -6.44 -3.28 31.15
N TYR A 13 -6.88 -4.04 30.14
CA TYR A 13 -8.14 -3.73 29.44
C TYR A 13 -9.36 -4.18 30.26
N VAL A 14 -9.36 -5.46 30.63
CA VAL A 14 -10.40 -6.01 31.52
C VAL A 14 -9.77 -6.94 32.55
N MET A 15 -9.95 -6.61 33.83
CA MET A 15 -9.38 -7.35 34.96
C MET A 15 -10.42 -7.44 36.07
N MET A 16 -10.28 -8.47 36.92
CA MET A 16 -11.12 -8.64 38.12
C MET A 16 -10.70 -7.65 39.18
N LYS A 17 -11.65 -6.96 39.79
CA LYS A 17 -11.31 -6.13 40.94
C LYS A 17 -10.83 -7.06 42.08
N LYS A 18 -9.92 -6.54 42.89
CA LYS A 18 -9.44 -7.21 44.09
C LYS A 18 -10.56 -7.93 44.86
N ASN A 19 -11.63 -7.20 45.15
CA ASN A 19 -12.75 -7.77 45.91
C ASN A 19 -13.90 -8.27 45.02
N HIS A 20 -13.54 -8.77 43.84
CA HIS A 20 -14.52 -9.32 42.91
C HIS A 20 -15.53 -10.24 43.59
N GLU A 21 -15.04 -11.13 44.45
CA GLU A 21 -15.90 -12.09 45.12
C GLU A 21 -17.20 -11.48 45.64
N MET A 22 -17.09 -10.31 46.27
CA MET A 22 -18.25 -9.64 46.88
C MET A 22 -19.10 -8.74 45.96
N LEU A 23 -18.72 -8.62 44.67
CA LEU A 23 -19.44 -7.72 43.76
C LEU A 23 -20.29 -8.47 42.71
N GLU A 24 -21.26 -7.80 42.10
CA GLU A 24 -22.07 -8.45 41.04
C GLU A 24 -22.08 -7.74 39.66
N GLY A 25 -22.41 -8.48 38.60
CA GLY A 25 -22.50 -7.92 37.26
C GLY A 25 -21.29 -7.09 36.85
N ASN A 26 -21.54 -5.99 36.16
CA ASN A 26 -20.47 -5.15 35.60
C ASN A 26 -19.48 -4.65 36.65
N GLU A 27 -19.96 -4.50 37.89
CA GLU A 27 -19.13 -4.05 39.01
C GLU A 27 -17.94 -4.96 39.32
N ARG A 28 -18.00 -6.23 38.89
CA ARG A 28 -16.87 -7.16 39.08
C ARG A 28 -15.57 -6.70 38.43
N TYR A 29 -15.66 -6.03 37.29
CA TYR A 29 -14.50 -5.76 36.43
C TYR A 29 -14.00 -4.32 36.46
N GLU A 30 -12.72 -4.15 36.15
CA GLU A 30 -12.15 -2.82 36.00
C GLU A 30 -11.14 -2.82 34.86
N GLY A 31 -10.89 -1.63 34.30
CA GLY A 31 -9.81 -1.49 33.32
C GLY A 31 -10.12 -0.61 32.14
N TYR A 32 -9.12 -0.43 31.28
CA TYR A 32 -9.28 0.44 30.12
C TYR A 32 -10.56 0.21 29.28
N CYS A 33 -10.79 -1.02 28.83
CA CYS A 33 -11.99 -1.32 28.06
C CYS A 33 -13.27 -1.28 28.92
N VAL A 34 -13.12 -1.44 30.23
CA VAL A 34 -14.28 -1.34 31.12
C VAL A 34 -14.74 0.13 31.17
N ASP A 35 -13.77 1.05 31.28
CA ASP A 35 -14.09 2.47 31.23
C ASP A 35 -14.59 2.89 29.84
N LEU A 36 -14.05 2.27 28.79
CA LEU A 36 -14.38 2.66 27.44
C LEU A 36 -15.83 2.22 27.13
N ALA A 37 -16.24 1.11 27.72
CA ALA A 37 -17.61 0.61 27.57
C ALA A 37 -18.63 1.52 28.24
N ALA A 38 -18.36 1.91 29.48
CA ALA A 38 -19.18 2.94 30.11
C ALA A 38 -19.34 4.12 29.13
N GLU A 39 -18.22 4.66 28.68
CA GLU A 39 -18.24 5.84 27.83
C GLU A 39 -19.06 5.67 26.54
N ILE A 40 -18.87 4.55 25.85
CA ILE A 40 -19.62 4.25 24.64
C ILE A 40 -21.13 4.13 24.93
N ALA A 41 -21.47 3.50 26.06
CA ALA A 41 -22.85 3.30 26.40
C ALA A 41 -23.49 4.63 26.81
N LYS A 42 -22.73 5.45 27.52
CA LYS A 42 -23.19 6.78 27.90
C LYS A 42 -23.59 7.60 26.68
N HIS A 43 -22.65 7.80 25.77
CA HIS A 43 -22.91 8.56 24.54
C HIS A 43 -23.93 7.98 23.53
N CYS A 44 -24.10 6.65 23.50
CA CYS A 44 -25.05 6.02 22.61
C CYS A 44 -26.38 5.76 23.32
N GLY A 45 -26.37 5.89 24.65
CA GLY A 45 -27.56 5.67 25.44
C GLY A 45 -28.13 4.27 25.40
N PHE A 46 -27.28 3.27 25.63
CA PHE A 46 -27.82 1.92 25.83
C PHE A 46 -27.36 1.32 27.16
N LYS A 47 -28.19 0.44 27.71
CA LYS A 47 -27.79 -0.35 28.87
C LYS A 47 -27.08 -1.61 28.36
N TYR A 48 -26.15 -2.14 29.15
CA TYR A 48 -25.33 -3.24 28.67
C TYR A 48 -24.91 -4.19 29.78
N LYS A 49 -24.50 -5.39 29.38
CA LYS A 49 -23.94 -6.37 30.30
C LYS A 49 -22.61 -6.92 29.75
N LEU A 50 -21.53 -6.75 30.51
CA LEU A 50 -20.24 -7.37 30.18
C LEU A 50 -20.26 -8.87 30.37
N THR A 51 -19.74 -9.59 29.39
CA THR A 51 -19.71 -11.03 29.46
C THR A 51 -18.36 -11.53 29.00
N ILE A 52 -17.65 -12.25 29.86
CA ILE A 52 -16.33 -12.73 29.48
C ILE A 52 -16.51 -13.86 28.49
N VAL A 53 -15.85 -13.76 27.32
CA VAL A 53 -15.98 -14.76 26.27
C VAL A 53 -15.66 -16.17 26.78
N GLY A 54 -16.56 -17.11 26.51
CA GLY A 54 -16.50 -18.48 27.00
C GLY A 54 -15.19 -19.24 26.87
N ASP A 55 -14.64 -19.28 25.67
CA ASP A 55 -13.43 -20.06 25.41
C ASP A 55 -12.12 -19.30 25.63
N GLY A 56 -12.16 -18.06 26.10
CA GLY A 56 -10.96 -17.29 26.39
C GLY A 56 -10.09 -16.85 25.22
N LYS A 57 -10.61 -16.92 24.01
CA LYS A 57 -9.82 -16.54 22.85
C LYS A 57 -10.28 -15.30 22.10
N TYR A 58 -9.40 -14.75 21.25
CA TYR A 58 -9.74 -13.59 20.44
C TYR A 58 -10.59 -13.97 19.24
N GLY A 59 -10.16 -14.94 18.45
CA GLY A 59 -10.97 -15.39 17.34
C GLY A 59 -10.19 -15.73 16.10
N ALA A 60 -10.34 -16.99 15.67
CA ALA A 60 -9.70 -17.46 14.44
C ALA A 60 -10.56 -18.54 13.77
N ARG A 61 -10.35 -18.76 12.49
CA ARG A 61 -11.17 -19.76 11.78
C ARG A 61 -10.47 -21.12 11.63
N ASP A 62 -11.15 -22.17 12.05
CA ASP A 62 -10.60 -23.52 11.92
C ASP A 62 -10.58 -23.88 10.44
N ALA A 63 -9.40 -24.22 9.91
CA ALA A 63 -9.23 -24.38 8.46
C ALA A 63 -9.92 -25.64 7.96
N ASP A 64 -10.14 -26.61 8.85
CA ASP A 64 -10.93 -27.77 8.47
C ASP A 64 -12.41 -27.42 8.44
N THR A 65 -12.90 -27.06 9.62
CA THR A 65 -14.32 -26.91 9.90
C THR A 65 -14.90 -25.56 9.45
N LYS A 66 -14.04 -24.54 9.30
CA LYS A 66 -14.48 -23.19 8.93
C LYS A 66 -15.26 -22.44 10.03
N ILE A 67 -15.35 -23.06 11.21
CA ILE A 67 -15.94 -22.39 12.37
C ILE A 67 -15.00 -21.40 13.06
N TRP A 68 -15.52 -20.20 13.31
CA TRP A 68 -14.82 -19.16 14.02
C TRP A 68 -14.96 -19.41 15.52
N ASN A 69 -13.85 -19.26 16.24
CA ASN A 69 -13.94 -19.33 17.68
C ASN A 69 -13.80 -17.92 18.30
N GLY A 70 -13.79 -17.86 19.63
CA GLY A 70 -13.47 -16.62 20.33
C GLY A 70 -14.52 -15.52 20.27
N MET A 71 -14.10 -14.30 20.61
CA MET A 71 -14.99 -13.15 20.51
C MET A 71 -15.52 -13.00 19.07
N VAL A 72 -14.67 -13.30 18.07
CA VAL A 72 -15.19 -13.24 16.73
C VAL A 72 -16.38 -14.20 16.51
N GLY A 73 -16.22 -15.44 16.93
CA GLY A 73 -17.34 -16.39 16.94
C GLY A 73 -18.61 -15.92 17.65
N GLU A 74 -18.45 -15.29 18.82
CA GLU A 74 -19.63 -14.78 19.54
C GLU A 74 -20.48 -13.83 18.71
N LEU A 75 -19.83 -12.97 17.94
CA LEU A 75 -20.50 -12.04 17.02
C LEU A 75 -21.03 -12.78 15.81
N VAL A 76 -20.17 -13.56 15.18
CA VAL A 76 -20.57 -14.28 13.99
C VAL A 76 -21.81 -15.17 14.17
N TYR A 77 -21.95 -15.79 15.35
CA TYR A 77 -23.06 -16.71 15.58
C TYR A 77 -24.21 -16.17 16.42
N GLY A 78 -24.14 -14.91 16.83
CA GLY A 78 -25.26 -14.25 17.49
C GLY A 78 -25.34 -14.42 19.00
N LYS A 79 -24.21 -14.61 19.68
CA LYS A 79 -24.22 -14.77 21.13
C LYS A 79 -24.04 -13.41 21.74
N ALA A 80 -23.52 -12.49 20.93
CA ALA A 80 -23.18 -11.18 21.45
C ALA A 80 -23.56 -10.12 20.44
N ASP A 81 -23.82 -8.91 20.95
CA ASP A 81 -24.17 -7.75 20.11
C ASP A 81 -22.97 -6.85 19.81
N ILE A 82 -21.95 -6.94 20.64
CA ILE A 82 -20.82 -6.04 20.45
C ILE A 82 -19.59 -6.62 21.17
N ALA A 83 -18.41 -6.33 20.64
CA ALA A 83 -17.19 -6.73 21.30
C ALA A 83 -16.36 -5.50 21.59
N ILE A 84 -16.07 -5.29 22.87
CA ILE A 84 -15.23 -4.20 23.34
C ILE A 84 -13.99 -4.75 24.11
N ALA A 85 -12.87 -4.89 23.39
CA ALA A 85 -11.69 -5.60 23.85
C ALA A 85 -10.51 -5.17 22.95
N PRO A 86 -9.28 -5.59 23.30
CA PRO A 86 -8.15 -5.26 22.41
C PRO A 86 -8.17 -6.20 21.18
N LEU A 87 -9.19 -6.04 20.31
CA LEU A 87 -9.37 -6.92 19.16
C LEU A 87 -8.80 -6.27 17.87
N THR A 88 -7.85 -6.95 17.24
CA THR A 88 -7.08 -6.36 16.15
C THR A 88 -7.87 -6.35 14.83
N ILE A 89 -7.96 -5.17 14.23
CA ILE A 89 -8.60 -5.00 12.93
C ILE A 89 -7.75 -5.73 11.89
N THR A 90 -8.29 -6.79 11.31
CA THR A 90 -7.61 -7.51 10.24
C THR A 90 -8.58 -7.79 9.07
N LEU A 91 -7.98 -8.19 7.96
CA LEU A 91 -8.65 -8.38 6.70
C LEU A 91 -9.61 -9.59 6.73
N VAL A 92 -9.15 -10.75 7.22
CA VAL A 92 -10.08 -11.89 7.35
C VAL A 92 -11.22 -11.61 8.34
N ARG A 93 -10.98 -10.83 9.38
CA ARG A 93 -12.10 -10.55 10.30
C ARG A 93 -13.08 -9.52 9.69
N GLU A 94 -12.57 -8.53 8.97
CA GLU A 94 -13.45 -7.47 8.47
C GLU A 94 -14.36 -8.01 7.39
N GLU A 95 -13.99 -9.17 6.84
CA GLU A 95 -14.85 -9.90 5.94
C GLU A 95 -16.10 -10.50 6.60
N VAL A 96 -16.07 -10.71 7.92
CA VAL A 96 -17.25 -11.34 8.55
C VAL A 96 -17.86 -10.53 9.67
N ILE A 97 -17.14 -9.53 10.17
CA ILE A 97 -17.70 -8.61 11.15
C ILE A 97 -17.36 -7.17 10.74
N ASP A 98 -17.99 -6.20 11.40
CA ASP A 98 -17.65 -4.78 11.19
C ASP A 98 -16.78 -4.28 12.34
N PHE A 99 -15.81 -3.43 12.00
CA PHE A 99 -15.00 -2.71 13.01
C PHE A 99 -15.18 -1.21 12.97
N SER A 100 -15.24 -0.60 14.15
CA SER A 100 -15.16 0.84 14.25
C SER A 100 -13.78 1.29 13.79
N LYS A 101 -13.62 2.60 13.64
CA LYS A 101 -12.29 3.16 13.44
C LYS A 101 -11.48 2.82 14.70
N PRO A 102 -10.16 2.70 14.57
CA PRO A 102 -9.30 2.28 15.69
C PRO A 102 -9.38 3.16 16.95
N PHE A 103 -9.52 2.56 18.14
CA PHE A 103 -9.45 3.35 19.36
C PHE A 103 -8.03 3.37 19.95
N MET A 104 -7.15 2.50 19.44
CA MET A 104 -5.76 2.38 19.95
C MET A 104 -4.84 1.78 18.90
N SER A 105 -3.58 2.22 18.90
CA SER A 105 -2.59 1.75 17.92
C SER A 105 -1.58 0.77 18.53
N LEU A 106 -0.88 0.02 17.69
CA LEU A 106 0.09 -0.94 18.19
C LEU A 106 0.67 -1.82 17.09
N GLY A 107 1.78 -2.46 17.41
CA GLY A 107 2.46 -3.37 16.52
C GLY A 107 2.93 -4.60 17.26
N ILE A 108 3.23 -5.67 16.52
CA ILE A 108 3.88 -6.85 17.07
C ILE A 108 5.27 -6.44 17.61
N SER A 109 5.56 -6.81 18.85
CA SER A 109 6.82 -6.46 19.51
C SER A 109 7.46 -7.70 20.16
N ILE A 110 8.65 -7.53 20.70
CA ILE A 110 9.39 -8.66 21.24
C ILE A 110 9.64 -8.46 22.75
N MET A 111 9.23 -9.43 23.54
CA MET A 111 9.47 -9.41 24.97
C MET A 111 10.57 -10.44 25.36
N ILE A 112 11.64 -9.96 26.01
CA ILE A 112 12.74 -10.77 26.52
C ILE A 112 12.90 -10.61 28.04
N LYS A 113 13.46 -11.61 28.71
CA LYS A 113 13.88 -11.44 30.11
C LYS A 113 15.07 -10.47 30.07
N LYS A 114 15.17 -9.54 31.01
CA LYS A 114 16.28 -8.58 30.96
C LYS A 114 17.63 -9.27 30.88
N GLY A 115 18.42 -8.86 29.88
CA GLY A 115 19.77 -9.38 29.71
C GLY A 115 19.90 -10.35 28.56
N THR A 116 18.77 -10.80 28.02
CA THR A 116 18.78 -11.74 26.91
C THR A 116 19.46 -11.08 25.70
N PRO A 117 20.41 -11.79 25.05
CA PRO A 117 21.22 -11.23 23.96
C PRO A 117 20.48 -11.16 22.63
N ILE A 118 19.44 -10.32 22.59
CA ILE A 118 18.56 -10.22 21.42
C ILE A 118 18.17 -8.77 21.30
N GLU A 119 18.31 -8.11 20.15
CA GLU A 119 17.79 -6.77 19.84
C GLU A 119 16.69 -6.82 18.76
N SER A 120 16.55 -7.77 17.98
CA SER A 120 15.59 -7.63 16.88
C SER A 120 15.04 -8.97 16.41
N ALA A 121 14.09 -8.89 15.47
CA ALA A 121 13.50 -10.08 14.88
C ALA A 121 14.52 -10.81 14.01
N GLU A 122 15.25 -10.04 13.20
CA GLU A 122 16.35 -10.58 12.41
C GLU A 122 17.32 -11.37 13.30
N ASP A 123 17.62 -10.84 14.48
CA ASP A 123 18.43 -11.59 15.46
C ASP A 123 17.78 -12.94 15.75
N LEU A 124 16.56 -12.93 16.28
CA LEU A 124 15.89 -14.18 16.63
C LEU A 124 15.92 -15.18 15.47
N SER A 125 15.71 -14.66 14.27
CA SER A 125 15.59 -15.52 13.10
C SER A 125 16.85 -16.36 12.85
N LYS A 126 18.01 -15.76 13.10
CA LYS A 126 19.29 -16.43 12.84
C LYS A 126 19.87 -17.29 13.99
N GLN A 127 19.02 -17.87 14.85
CA GLN A 127 19.57 -18.65 15.94
C GLN A 127 18.55 -19.62 16.54
N THR A 128 19.04 -20.63 17.25
CA THR A 128 18.16 -21.69 17.75
C THR A 128 18.25 -21.86 19.26
N GLU A 129 19.27 -21.27 19.85
CA GLU A 129 19.47 -21.37 21.31
C GLU A 129 18.26 -20.81 22.07
N ILE A 130 17.80 -19.63 21.68
CA ILE A 130 16.64 -19.02 22.30
C ILE A 130 15.37 -19.31 21.48
N ALA A 131 14.39 -19.93 22.14
CA ALA A 131 13.14 -20.30 21.50
C ALA A 131 12.22 -19.09 21.48
N TYR A 132 11.18 -19.13 20.67
CA TYR A 132 10.23 -18.03 20.63
C TYR A 132 8.88 -18.38 20.00
N GLY A 133 7.83 -17.69 20.42
CA GLY A 133 6.49 -18.01 19.96
C GLY A 133 5.51 -16.89 20.24
N THR A 134 4.22 -17.21 20.10
CA THR A 134 3.13 -16.24 20.15
C THR A 134 1.87 -16.84 20.78
N LEU A 135 0.82 -16.03 20.90
CA LEU A 135 -0.45 -16.48 21.44
C LEU A 135 -1.17 -17.34 20.40
N ASP A 136 -1.95 -18.31 20.85
CA ASP A 136 -2.85 -19.06 19.94
C ASP A 136 -4.08 -18.26 19.51
N SER A 137 -4.61 -18.58 18.33
CA SER A 137 -5.91 -18.06 17.91
C SER A 137 -5.94 -16.56 17.98
N GLY A 138 -4.80 -15.92 17.73
CA GLY A 138 -4.82 -14.48 17.57
C GLY A 138 -4.20 -13.97 16.27
N SER A 139 -4.20 -12.64 16.13
CA SER A 139 -3.73 -11.96 14.94
C SER A 139 -2.20 -11.99 14.78
N THR A 140 -1.49 -12.16 15.88
CA THR A 140 -0.04 -12.18 15.78
C THR A 140 0.37 -13.46 15.09
N LYS A 141 -0.12 -14.59 15.60
CA LYS A 141 0.21 -15.84 14.97
C LYS A 141 -0.10 -15.84 13.48
N GLU A 142 -1.24 -15.29 13.10
CA GLU A 142 -1.66 -15.27 11.71
C GLU A 142 -0.82 -14.29 10.89
N PHE A 143 -0.17 -13.35 11.57
CA PHE A 143 0.71 -12.44 10.88
C PHE A 143 1.88 -13.19 10.31
N PHE A 144 2.35 -14.15 11.09
CA PHE A 144 3.53 -14.93 10.75
C PHE A 144 3.19 -16.08 9.81
N ARG A 145 1.92 -16.51 9.84
CA ARG A 145 1.45 -17.57 8.97
C ARG A 145 1.36 -17.07 7.52
N ARG A 146 0.97 -15.82 7.36
CA ARG A 146 0.80 -15.25 6.03
C ARG A 146 1.91 -14.32 5.56
N SER A 147 3.03 -14.29 6.29
CA SER A 147 4.16 -13.45 5.86
C SER A 147 4.93 -13.81 4.58
N LYS A 148 4.93 -12.89 3.61
CA LYS A 148 5.80 -13.04 2.47
C LYS A 148 7.17 -12.44 2.81
N ILE A 149 7.16 -11.42 3.68
CA ILE A 149 8.41 -10.72 4.08
C ILE A 149 9.46 -11.75 4.50
N ALA A 150 10.68 -11.54 4.03
CA ALA A 150 11.75 -12.52 4.13
C ALA A 150 11.99 -13.08 5.53
N VAL A 151 12.25 -12.19 6.48
CA VAL A 151 12.62 -12.56 7.85
C VAL A 151 11.48 -13.25 8.64
N PHE A 152 10.29 -12.66 8.58
CA PHE A 152 9.13 -13.19 9.31
C PHE A 152 8.75 -14.60 8.84
N ASP A 153 8.74 -14.81 7.52
CA ASP A 153 8.39 -16.12 6.92
C ASP A 153 9.30 -17.25 7.43
N LYS A 154 10.57 -16.93 7.58
CA LYS A 154 11.56 -17.85 8.15
C LYS A 154 11.28 -18.14 9.63
N MET A 155 10.77 -17.13 10.33
CA MET A 155 10.46 -17.27 11.76
C MET A 155 9.28 -18.20 11.96
N TRP A 156 8.34 -18.14 11.03
CA TRP A 156 7.16 -18.98 11.08
C TRP A 156 7.56 -20.39 10.74
N THR A 157 8.26 -20.55 9.64
CA THR A 157 8.74 -21.86 9.27
C THR A 157 9.37 -22.52 10.50
N TYR A 158 10.11 -21.74 11.29
CA TYR A 158 10.70 -22.28 12.52
C TYR A 158 9.65 -22.62 13.57
N MET A 159 8.79 -21.64 13.88
CA MET A 159 7.80 -21.76 14.94
C MET A 159 6.81 -22.89 14.74
N ARG A 160 6.24 -22.99 13.55
CA ARG A 160 5.19 -23.98 13.36
C ARG A 160 5.73 -25.37 13.64
N SER A 161 6.95 -25.62 13.16
CA SER A 161 7.56 -26.93 13.29
C SER A 161 8.26 -27.10 14.62
N ALA A 162 8.50 -25.98 15.31
CA ALA A 162 9.25 -26.04 16.57
C ALA A 162 8.57 -27.00 17.55
N GLU A 163 9.35 -27.57 18.47
CA GLU A 163 8.80 -28.51 19.44
C GLU A 163 9.66 -28.69 20.67
N PRO A 164 9.01 -28.81 21.85
CA PRO A 164 7.55 -28.74 21.99
C PRO A 164 7.00 -27.35 21.65
N SER A 165 5.72 -27.26 21.31
CA SER A 165 5.11 -26.02 20.83
C SER A 165 5.63 -24.76 21.53
N VAL A 166 5.91 -23.74 20.73
CA VAL A 166 6.28 -22.43 21.23
C VAL A 166 5.04 -21.54 21.42
N PHE A 167 3.86 -22.05 21.07
CA PHE A 167 2.64 -21.25 21.13
C PHE A 167 1.98 -21.36 22.52
N VAL A 168 1.25 -20.32 22.95
CA VAL A 168 0.63 -20.30 24.28
C VAL A 168 -0.88 -20.01 24.24
N ARG A 169 -1.58 -20.43 25.29
CA ARG A 169 -3.02 -20.26 25.37
C ARG A 169 -3.40 -18.83 25.72
N THR A 170 -2.63 -18.21 26.60
CA THR A 170 -2.92 -16.84 27.02
C THR A 170 -1.66 -16.02 27.23
N THR A 171 -1.85 -14.71 27.32
CA THR A 171 -0.77 -13.76 27.55
C THR A 171 -0.04 -14.04 28.84
N ALA A 172 -0.77 -14.26 29.93
CA ALA A 172 -0.14 -14.61 31.20
C ALA A 172 0.82 -15.78 31.00
N GLU A 173 0.34 -16.86 30.40
CA GLU A 173 1.21 -18.01 30.11
C GLU A 173 2.44 -17.61 29.30
N GLY A 174 2.26 -16.79 28.26
CA GLY A 174 3.43 -16.32 27.55
C GLY A 174 4.46 -15.60 28.43
N VAL A 175 3.97 -14.67 29.26
CA VAL A 175 4.83 -13.86 30.11
C VAL A 175 5.42 -14.72 31.23
N ALA A 176 4.67 -15.68 31.75
CA ALA A 176 5.24 -16.55 32.78
C ALA A 176 6.40 -17.38 32.18
N ARG A 177 6.22 -17.83 30.95
CA ARG A 177 7.30 -18.61 30.32
C ARG A 177 8.59 -17.80 30.11
N VAL A 178 8.48 -16.54 29.75
CA VAL A 178 9.67 -15.68 29.64
C VAL A 178 10.36 -15.62 30.99
N ARG A 179 9.60 -15.24 32.03
CA ARG A 179 10.13 -15.07 33.38
C ARG A 179 10.85 -16.28 33.96
N LYS A 180 10.43 -17.48 33.57
CA LYS A 180 10.93 -18.72 34.17
C LYS A 180 11.92 -19.48 33.31
N SER A 181 12.23 -18.94 32.14
CA SER A 181 13.05 -19.67 31.19
C SER A 181 14.50 -19.22 31.17
N LYS A 182 14.85 -18.35 32.12
CA LYS A 182 16.23 -17.87 32.24
C LYS A 182 16.81 -17.38 30.89
N GLY A 183 15.98 -16.71 30.09
CA GLY A 183 16.46 -16.06 28.88
C GLY A 183 16.40 -16.94 27.66
N LYS A 184 15.89 -18.16 27.84
CA LYS A 184 15.84 -19.14 26.75
C LYS A 184 14.50 -19.11 26.02
N TYR A 185 13.66 -18.12 26.34
CA TYR A 185 12.40 -17.93 25.62
C TYR A 185 12.05 -16.46 25.49
N ALA A 186 11.81 -16.06 24.24
CA ALA A 186 11.26 -14.73 23.93
C ALA A 186 9.79 -14.88 23.52
N TYR A 187 9.02 -13.83 23.75
CA TYR A 187 7.61 -13.89 23.45
C TYR A 187 7.22 -12.75 22.50
N LEU A 188 6.54 -13.09 21.41
CA LEU A 188 6.09 -12.13 20.41
C LEU A 188 4.65 -11.72 20.71
N LEU A 189 4.43 -10.43 20.90
CA LEU A 189 3.14 -9.95 21.41
C LEU A 189 3.01 -8.48 21.12
N GLU A 190 1.79 -7.97 21.22
CA GLU A 190 1.51 -6.60 20.89
C GLU A 190 2.19 -5.60 21.85
N SER A 191 2.73 -4.54 21.27
CA SER A 191 3.53 -3.55 22.02
C SER A 191 2.80 -3.02 23.23
N THR A 192 1.48 -2.86 23.12
CA THR A 192 0.60 -2.38 24.19
C THR A 192 0.65 -3.23 25.48
N MET A 193 0.49 -4.54 25.30
CA MET A 193 0.54 -5.48 26.42
C MET A 193 1.99 -5.57 26.93
N ASN A 194 2.93 -5.54 25.99
CA ASN A 194 4.38 -5.54 26.30
C ASN A 194 4.75 -4.33 27.18
N GLU A 195 4.31 -3.14 26.81
CA GLU A 195 4.58 -1.93 27.61
C GLU A 195 3.91 -1.92 28.97
N TYR A 196 2.76 -2.56 29.07
CA TYR A 196 2.12 -2.68 30.38
C TYR A 196 2.91 -3.56 31.36
N ILE A 197 3.31 -4.74 30.89
CA ILE A 197 4.02 -5.73 31.70
C ILE A 197 5.38 -5.18 32.12
N GLU A 198 6.05 -4.50 31.20
CA GLU A 198 7.36 -3.89 31.47
C GLU A 198 7.30 -2.94 32.68
N GLN A 199 6.12 -2.37 32.96
CA GLN A 199 5.92 -1.46 34.09
C GLN A 199 5.42 -2.12 35.39
N ARG A 200 5.37 -3.44 35.45
CA ARG A 200 4.81 -4.06 36.64
C ARG A 200 5.86 -4.93 37.31
N LYS A 201 5.77 -5.03 38.63
CA LYS A 201 6.62 -5.95 39.39
C LYS A 201 6.43 -7.39 38.92
N PRO A 202 7.49 -8.20 38.93
CA PRO A 202 8.88 -8.03 39.41
C PRO A 202 9.83 -7.22 38.51
N CYS A 203 9.31 -6.56 37.48
CA CYS A 203 10.17 -5.75 36.61
C CYS A 203 11.36 -6.51 36.01
N ASP A 204 11.12 -7.70 35.44
CA ASP A 204 12.22 -8.48 34.85
C ASP A 204 12.14 -8.68 33.34
N THR A 205 11.15 -8.09 32.69
CA THR A 205 11.05 -8.24 31.24
C THR A 205 11.19 -6.91 30.54
N MET A 206 11.43 -6.95 29.25
CA MET A 206 11.44 -5.70 28.50
C MET A 206 11.16 -5.87 27.02
N LYS A 207 10.63 -4.80 26.43
CA LYS A 207 10.38 -4.72 25.01
C LYS A 207 11.67 -4.32 24.34
N VAL A 208 12.18 -5.16 23.43
CA VAL A 208 13.37 -4.83 22.67
C VAL A 208 13.05 -4.61 21.19
N GLY A 209 13.80 -3.73 20.53
CA GLY A 209 13.62 -3.50 19.10
C GLY A 209 12.40 -2.65 18.79
N GLY A 210 12.09 -2.48 17.52
CA GLY A 210 10.95 -1.68 17.13
C GLY A 210 9.78 -2.59 16.82
N ASN A 211 8.62 -2.01 16.55
CA ASN A 211 7.43 -2.80 16.24
C ASN A 211 7.63 -3.46 14.88
N LEU A 212 7.08 -4.65 14.69
CA LEU A 212 7.26 -5.36 13.41
C LEU A 212 6.19 -4.98 12.39
N ASP A 213 5.09 -4.40 12.87
CA ASP A 213 4.04 -3.89 12.01
C ASP A 213 3.34 -2.76 12.70
N SER A 214 2.26 -2.27 12.10
CA SER A 214 1.50 -1.18 12.68
C SER A 214 0.02 -1.32 12.36
N LYS A 215 -0.78 -1.53 13.39
CA LYS A 215 -2.19 -1.77 13.14
C LYS A 215 -3.01 -1.17 14.28
N GLY A 216 -4.28 -1.55 14.40
CA GLY A 216 -5.17 -0.92 15.35
C GLY A 216 -6.15 -1.89 15.94
N TYR A 217 -6.66 -1.55 17.13
CA TYR A 217 -7.85 -2.20 17.67
C TYR A 217 -9.16 -1.44 17.39
N GLY A 218 -10.18 -2.22 17.08
CA GLY A 218 -11.46 -1.62 16.75
C GLY A 218 -12.53 -2.29 17.59
N ILE A 219 -13.61 -1.55 17.83
CA ILE A 219 -14.83 -2.09 18.43
C ILE A 219 -15.57 -2.84 17.35
N ALA A 220 -16.04 -4.04 17.68
CA ALA A 220 -16.57 -4.93 16.65
C ALA A 220 -18.05 -5.20 16.82
N THR A 221 -18.78 -5.23 15.69
CA THR A 221 -20.22 -5.57 15.65
C THR A 221 -20.53 -6.60 14.56
N PRO A 222 -21.63 -7.36 14.71
CA PRO A 222 -21.98 -8.31 13.64
C PRO A 222 -22.20 -7.54 12.34
N LYS A 223 -21.92 -8.19 11.21
CA LYS A 223 -21.85 -7.48 9.93
C LYS A 223 -23.20 -6.78 9.65
N GLY A 224 -23.11 -5.51 9.27
CA GLY A 224 -24.26 -4.67 9.01
C GLY A 224 -25.28 -4.46 10.13
N SER A 225 -24.91 -4.64 11.39
CA SER A 225 -25.86 -4.26 12.47
C SER A 225 -25.91 -2.73 12.64
N SER A 226 -27.00 -2.26 13.27
CA SER A 226 -27.28 -0.82 13.39
C SER A 226 -26.42 -0.10 14.41
N LEU A 227 -26.04 -0.81 15.48
CA LEU A 227 -25.15 -0.27 16.50
C LEU A 227 -23.87 0.38 15.99
N GLY A 228 -23.33 -0.19 14.92
CA GLY A 228 -22.02 0.16 14.40
C GLY A 228 -21.81 1.62 14.07
N ASN A 229 -22.84 2.24 13.48
CA ASN A 229 -22.77 3.66 13.12
C ASN A 229 -22.57 4.52 14.37
N ALA A 230 -23.46 4.36 15.33
CA ALA A 230 -23.34 5.07 16.61
C ALA A 230 -21.96 4.89 17.28
N VAL A 231 -21.46 3.66 17.33
CA VAL A 231 -20.24 3.43 18.11
C VAL A 231 -19.04 4.00 17.38
N ASN A 232 -19.07 3.91 16.05
CA ASN A 232 -17.99 4.48 15.28
C ASN A 232 -17.88 5.98 15.56
N LEU A 233 -18.99 6.68 15.41
CA LEU A 233 -19.01 8.10 15.70
C LEU A 233 -18.58 8.39 17.14
N ALA A 234 -19.01 7.56 18.09
CA ALA A 234 -18.59 7.69 19.49
C ALA A 234 -17.08 7.53 19.66
N VAL A 235 -16.48 6.52 19.04
CA VAL A 235 -15.03 6.41 19.19
C VAL A 235 -14.36 7.69 18.70
N LEU A 236 -14.81 8.22 17.57
CA LEU A 236 -14.11 9.38 17.01
C LEU A 236 -14.25 10.58 17.94
N LYS A 237 -15.48 10.81 18.42
CA LYS A 237 -15.69 11.90 19.38
C LYS A 237 -14.78 11.71 20.59
N LEU A 238 -14.68 10.47 21.10
CA LEU A 238 -13.97 10.23 22.34
C LEU A 238 -12.47 10.43 22.13
N ASN A 239 -11.99 10.07 20.95
CA ASN A 239 -10.60 10.36 20.61
C ASN A 239 -10.41 11.87 20.50
N GLU A 240 -11.32 12.54 19.79
CA GLU A 240 -11.24 13.99 19.63
C GLU A 240 -11.33 14.79 20.92
N GLN A 241 -12.05 14.28 21.92
CA GLN A 241 -12.16 14.99 23.19
C GLN A 241 -11.02 14.68 24.16
N GLY A 242 -10.09 13.81 23.76
CA GLY A 242 -8.94 13.47 24.59
C GLY A 242 -9.16 12.37 25.63
N LEU A 243 -10.42 11.92 25.77
CA LEU A 243 -10.73 10.82 26.69
C LEU A 243 -9.91 9.52 26.45
N LEU A 244 -9.66 9.17 25.20
CA LEU A 244 -8.91 7.94 24.98
C LEU A 244 -7.50 8.12 25.50
N ASP A 245 -7.02 9.37 25.52
CA ASP A 245 -5.66 9.63 25.99
C ASP A 245 -5.62 9.63 27.51
N LYS A 246 -6.65 10.20 28.12
CA LYS A 246 -6.84 10.09 29.58
C LYS A 246 -6.81 8.64 30.04
N LEU A 247 -7.76 7.84 29.56
CA LEU A 247 -7.76 6.39 29.80
C LEU A 247 -6.39 5.68 29.69
N LYS A 248 -5.64 5.90 28.61
CA LYS A 248 -4.36 5.18 28.45
C LYS A 248 -3.32 5.54 29.51
N ASN A 249 -3.30 6.80 29.91
CA ASN A 249 -2.35 7.17 30.96
C ASN A 249 -2.80 6.63 32.31
N LYS A 250 -4.09 6.78 32.59
CA LYS A 250 -4.66 6.19 33.80
C LYS A 250 -4.24 4.73 33.94
N TRP A 251 -4.50 3.93 32.92
CA TRP A 251 -4.28 2.49 33.06
C TRP A 251 -2.85 2.00 32.80
N TRP A 252 -2.06 2.79 32.09
CA TRP A 252 -0.74 2.37 31.67
C TRP A 252 0.40 2.94 32.50
N TYR A 253 0.50 4.26 32.56
CA TYR A 253 1.66 4.90 33.18
C TYR A 253 1.38 5.43 34.59
N ASP A 254 0.18 5.94 34.82
CA ASP A 254 -0.19 6.31 36.18
C ASP A 254 -0.09 5.07 37.06
N LYS A 255 0.04 3.92 36.42
CA LYS A 255 0.07 2.64 37.14
C LYS A 255 1.48 2.08 37.37
N GLY A 256 2.49 2.77 36.85
CA GLY A 256 3.86 2.29 36.90
C GLY A 256 4.32 1.78 38.26
N GLU A 257 5.16 0.76 38.26
CA GLU A 257 5.61 0.16 39.51
C GLU A 257 7.08 -0.21 39.39
N CYS A 258 7.70 0.25 38.31
CA CYS A 258 9.12 -0.03 38.05
C CYS A 258 9.95 1.24 37.84
N LYS B 1 -16.41 2.12 -15.56
CA LYS B 1 -16.19 3.53 -15.87
C LYS B 1 -15.04 4.14 -15.06
N THR B 2 -14.29 5.03 -15.69
CA THR B 2 -13.14 5.70 -15.11
C THR B 2 -13.45 6.47 -13.82
N VAL B 3 -12.77 6.07 -12.76
CA VAL B 3 -12.92 6.69 -11.45
C VAL B 3 -12.12 7.99 -11.39
N VAL B 4 -12.78 9.07 -11.05
CA VAL B 4 -12.12 10.38 -10.91
C VAL B 4 -11.62 10.60 -9.48
N VAL B 5 -10.31 10.83 -9.36
CA VAL B 5 -9.66 10.82 -8.06
C VAL B 5 -9.24 12.24 -7.77
N THR B 6 -9.70 12.78 -6.66
CA THR B 6 -9.28 14.12 -6.26
C THR B 6 -8.13 14.00 -5.28
N THR B 7 -7.18 14.90 -5.40
CA THR B 7 -6.02 14.85 -4.54
C THR B 7 -5.44 16.26 -4.43
N ILE B 8 -4.28 16.37 -3.82
CA ILE B 8 -3.73 17.70 -3.52
C ILE B 8 -2.23 17.65 -3.69
N LEU B 9 -1.65 18.77 -4.14
CA LEU B 9 -0.19 18.84 -4.31
C LEU B 9 0.43 19.16 -2.96
N GLU B 10 0.97 18.12 -2.33
CA GLU B 10 1.58 18.20 -0.99
C GLU B 10 2.72 17.19 -0.98
N SER B 11 3.96 17.66 -0.84
CA SER B 11 5.12 16.78 -0.76
C SER B 11 5.17 16.03 0.59
N PRO B 12 5.51 14.75 0.53
CA PRO B 12 5.81 14.09 -0.74
C PRO B 12 4.73 13.08 -1.14
N TYR B 13 3.46 13.47 -0.99
CA TYR B 13 2.35 12.58 -1.36
C TYR B 13 1.98 12.68 -2.84
N VAL B 14 1.92 13.88 -3.36
CA VAL B 14 1.74 14.07 -4.79
C VAL B 14 2.61 15.23 -5.17
N MET B 15 3.44 15.02 -6.18
CA MET B 15 4.36 16.05 -6.66
C MET B 15 4.38 16.09 -8.17
N MET B 16 4.68 17.26 -8.71
CA MET B 16 4.84 17.42 -10.15
C MET B 16 6.17 16.76 -10.53
N LYS B 17 6.19 15.92 -11.56
CA LYS B 17 7.44 15.31 -12.02
C LYS B 17 8.36 16.35 -12.68
N LYS B 18 9.67 16.12 -12.62
CA LYS B 18 10.64 17.05 -13.18
C LYS B 18 10.27 17.51 -14.59
N ASN B 19 9.83 16.57 -15.42
CA ASN B 19 9.50 16.86 -16.81
C ASN B 19 8.00 16.89 -17.06
N HIS B 20 7.23 17.26 -16.05
CA HIS B 20 5.77 17.18 -16.08
C HIS B 20 5.12 17.65 -17.39
N GLU B 21 5.79 18.55 -18.10
CA GLU B 21 5.23 19.15 -19.31
C GLU B 21 5.18 18.21 -20.51
N MET B 22 6.15 17.32 -20.60
CA MET B 22 6.27 16.42 -21.74
C MET B 22 5.57 15.07 -21.51
N LEU B 23 4.75 14.98 -20.45
CA LEU B 23 4.01 13.75 -20.14
C LEU B 23 2.52 14.03 -20.14
N GLU B 24 1.69 13.01 -20.37
CA GLU B 24 0.22 13.20 -20.33
C GLU B 24 -0.42 12.49 -19.14
N GLY B 25 -1.63 12.89 -18.77
CA GLY B 25 -2.39 12.25 -17.70
C GLY B 25 -1.70 11.86 -16.40
N ASN B 26 -2.06 10.70 -15.88
CA ASN B 26 -1.52 10.23 -14.61
C ASN B 26 0.00 10.27 -14.57
N GLU B 27 0.63 10.25 -15.76
CA GLU B 27 2.09 10.23 -15.86
C GLU B 27 2.79 11.50 -15.38
N ARG B 28 2.04 12.58 -15.18
CA ARG B 28 2.62 13.86 -14.76
C ARG B 28 3.06 13.91 -13.29
N TYR B 29 2.43 13.06 -12.47
CA TYR B 29 2.55 13.13 -11.01
C TYR B 29 3.41 12.01 -10.43
N GLU B 30 3.96 12.24 -9.26
CA GLU B 30 4.63 11.16 -8.55
C GLU B 30 4.53 11.36 -7.03
N GLY B 31 4.78 10.27 -6.28
CA GLY B 31 4.89 10.32 -4.82
C GLY B 31 4.09 9.25 -4.08
N TYR B 32 4.10 9.30 -2.75
CA TYR B 32 3.41 8.29 -1.92
C TYR B 32 1.96 7.99 -2.34
N CYS B 33 1.11 9.01 -2.42
CA CYS B 33 -0.29 8.81 -2.81
C CYS B 33 -0.47 8.45 -4.27
N VAL B 34 0.48 8.83 -5.14
CA VAL B 34 0.38 8.39 -6.54
C VAL B 34 0.65 6.88 -6.66
N ASP B 35 1.72 6.39 -6.03
CA ASP B 35 1.97 4.91 -5.96
C ASP B 35 0.77 4.14 -5.33
N LEU B 36 0.14 4.79 -4.35
CA LEU B 36 -0.90 4.10 -3.55
C LEU B 36 -2.20 4.03 -4.37
N ALA B 37 -2.43 5.06 -5.17
CA ALA B 37 -3.62 5.05 -6.05
C ALA B 37 -3.50 3.95 -7.13
N ALA B 38 -2.33 3.80 -7.74
CA ALA B 38 -2.08 2.69 -8.68
C ALA B 38 -2.33 1.34 -8.00
N GLU B 39 -1.74 1.13 -6.83
CA GLU B 39 -2.00 -0.09 -6.07
C GLU B 39 -3.47 -0.34 -5.78
N ILE B 40 -4.15 0.68 -5.25
CA ILE B 40 -5.57 0.57 -4.95
C ILE B 40 -6.38 0.21 -6.18
N ALA B 41 -6.12 0.90 -7.28
CA ALA B 41 -6.83 0.73 -8.54
C ALA B 41 -6.63 -0.68 -9.09
N LYS B 42 -5.42 -1.18 -8.94
CA LYS B 42 -5.06 -2.51 -9.45
C LYS B 42 -5.78 -3.59 -8.65
N HIS B 43 -5.60 -3.64 -7.34
CA HIS B 43 -6.31 -4.61 -6.51
C HIS B 43 -7.84 -4.49 -6.50
N CYS B 44 -8.35 -3.31 -6.85
CA CYS B 44 -9.80 -3.12 -6.88
C CYS B 44 -10.35 -3.39 -8.28
N GLY B 45 -9.50 -3.22 -9.29
CA GLY B 45 -9.86 -3.52 -10.67
C GLY B 45 -10.56 -2.37 -11.36
N PHE B 46 -10.05 -1.16 -11.20
CA PHE B 46 -10.69 -0.03 -11.86
C PHE B 46 -9.70 0.93 -12.50
N LYS B 47 -10.09 1.61 -13.58
CA LYS B 47 -9.26 2.63 -14.22
C LYS B 47 -9.61 3.98 -13.56
N TYR B 48 -8.64 4.89 -13.55
CA TYR B 48 -8.81 6.14 -12.81
C TYR B 48 -8.04 7.28 -13.45
N LYS B 49 -8.38 8.48 -13.01
CA LYS B 49 -7.84 9.75 -13.48
C LYS B 49 -7.51 10.66 -12.28
N LEU B 50 -6.22 10.95 -12.08
CA LEU B 50 -5.78 11.84 -11.02
C LEU B 50 -6.15 13.27 -11.36
N THR B 51 -6.80 13.97 -10.43
CA THR B 51 -7.14 15.39 -10.58
C THR B 51 -6.72 16.16 -9.34
N ILE B 52 -5.97 17.24 -9.51
CA ILE B 52 -5.62 18.12 -8.39
C ILE B 52 -6.78 19.07 -8.06
N VAL B 53 -7.16 19.10 -6.78
CA VAL B 53 -8.32 19.84 -6.33
C VAL B 53 -8.21 21.35 -6.62
N GLY B 54 -9.25 21.91 -7.20
CA GLY B 54 -9.18 23.26 -7.76
C GLY B 54 -8.72 24.36 -6.83
N ASP B 55 -9.22 24.37 -5.61
CA ASP B 55 -8.93 25.45 -4.67
C ASP B 55 -7.74 25.18 -3.73
N GLY B 56 -7.10 24.02 -3.85
CA GLY B 56 -5.94 23.70 -3.03
C GLY B 56 -6.20 23.51 -1.53
N LYS B 57 -7.43 23.14 -1.15
CA LYS B 57 -7.74 22.94 0.28
C LYS B 57 -8.10 21.50 0.68
N TYR B 58 -7.97 21.17 1.96
CA TYR B 58 -8.34 19.83 2.39
C TYR B 58 -9.83 19.69 2.49
N GLY B 59 -10.46 20.67 3.14
CA GLY B 59 -11.89 20.63 3.29
C GLY B 59 -12.35 21.17 4.63
N ALA B 60 -13.17 22.21 4.58
CA ALA B 60 -13.76 22.76 5.77
C ALA B 60 -15.12 23.26 5.36
N ARG B 61 -16.00 23.41 6.33
CA ARG B 61 -17.30 23.93 6.04
C ARG B 61 -17.40 25.38 6.50
N ASP B 62 -17.61 26.26 5.54
CA ASP B 62 -17.81 27.69 5.82
C ASP B 62 -19.00 27.94 6.76
N ALA B 63 -18.69 28.49 7.93
CA ALA B 63 -19.68 28.67 9.00
C ALA B 63 -20.89 29.52 8.60
N ASP B 64 -20.69 30.50 7.71
CA ASP B 64 -21.83 31.28 7.24
C ASP B 64 -22.65 30.61 6.12
N THR B 65 -22.00 30.36 4.97
CA THR B 65 -22.67 29.69 3.85
C THR B 65 -23.01 28.20 4.06
N LYS B 66 -22.20 27.52 4.85
CA LYS B 66 -22.39 26.08 5.09
C LYS B 66 -21.96 25.24 3.89
N ILE B 67 -21.26 25.84 2.94
CA ILE B 67 -20.68 25.09 1.84
C ILE B 67 -19.28 24.52 2.21
N TRP B 68 -19.09 23.22 1.92
CA TRP B 68 -17.83 22.54 2.14
C TRP B 68 -16.86 22.85 1.02
N ASN B 69 -15.64 23.26 1.36
CA ASN B 69 -14.66 23.47 0.32
C ASN B 69 -13.73 22.24 0.20
N GLY B 70 -12.66 22.38 -0.58
CA GLY B 70 -11.56 21.42 -0.62
C GLY B 70 -11.91 20.06 -1.19
N MET B 71 -11.08 19.08 -0.90
CA MET B 71 -11.37 17.72 -1.39
C MET B 71 -12.69 17.20 -0.86
N VAL B 72 -13.02 17.53 0.38
CA VAL B 72 -14.27 17.05 0.97
C VAL B 72 -15.40 17.55 0.10
N GLY B 73 -15.30 18.82 -0.30
CA GLY B 73 -16.28 19.45 -1.15
C GLY B 73 -16.46 18.72 -2.47
N GLU B 74 -15.36 18.37 -3.12
CA GLU B 74 -15.47 17.66 -4.40
C GLU B 74 -16.28 16.35 -4.24
N LEU B 75 -16.13 15.68 -3.10
CA LEU B 75 -16.88 14.44 -2.82
C LEU B 75 -18.35 14.72 -2.49
N VAL B 76 -18.54 15.72 -1.64
CA VAL B 76 -19.86 16.05 -1.15
C VAL B 76 -20.76 16.46 -2.32
N TYR B 77 -20.21 17.22 -3.27
CA TYR B 77 -21.03 17.76 -4.36
C TYR B 77 -20.96 16.98 -5.66
N GLY B 78 -20.37 15.79 -5.65
CA GLY B 78 -20.40 14.95 -6.83
C GLY B 78 -19.41 15.28 -7.94
N LYS B 79 -18.33 15.98 -7.63
CA LYS B 79 -17.27 16.17 -8.63
C LYS B 79 -16.22 15.06 -8.67
N ALA B 80 -16.18 14.20 -7.65
CA ALA B 80 -15.17 13.11 -7.57
C ALA B 80 -15.72 11.83 -6.96
N ASP B 81 -15.14 10.71 -7.38
CA ASP B 81 -15.55 9.40 -6.91
C ASP B 81 -14.78 8.99 -5.63
N ILE B 82 -13.59 9.55 -5.48
CA ILE B 82 -12.73 9.08 -4.39
C ILE B 82 -11.63 10.10 -4.13
N ALA B 83 -11.14 10.15 -2.89
CA ALA B 83 -10.02 11.05 -2.59
C ALA B 83 -8.90 10.24 -2.02
N ILE B 84 -7.72 10.38 -2.64
CA ILE B 84 -6.50 9.71 -2.20
C ILE B 84 -5.41 10.73 -1.86
N ALA B 85 -5.30 11.03 -0.57
CA ALA B 85 -4.59 12.21 -0.08
C ALA B 85 -4.34 12.06 1.41
N PRO B 86 -3.47 12.91 1.96
CA PRO B 86 -3.28 12.99 3.40
C PRO B 86 -4.49 13.69 4.04
N LEU B 87 -5.67 13.07 3.89
CA LEU B 87 -6.89 13.62 4.44
C LEU B 87 -7.21 12.98 5.81
N THR B 88 -7.33 13.82 6.85
CA THR B 88 -7.48 13.33 8.23
C THR B 88 -8.91 12.90 8.53
N ILE B 89 -9.06 11.70 9.09
CA ILE B 89 -10.36 11.16 9.49
C ILE B 89 -10.81 11.96 10.69
N THR B 90 -11.88 12.74 10.55
CA THR B 90 -12.49 13.42 11.69
C THR B 90 -14.00 13.18 11.80
N LEU B 91 -14.52 13.48 12.98
CA LEU B 91 -15.90 13.27 13.28
C LEU B 91 -16.82 14.11 12.38
N VAL B 92 -16.51 15.38 12.15
CA VAL B 92 -17.37 16.22 11.30
C VAL B 92 -17.28 15.77 9.84
N ARG B 93 -16.14 15.24 9.43
CA ARG B 93 -16.09 14.74 8.06
C ARG B 93 -16.75 13.38 7.89
N GLU B 94 -16.70 12.52 8.91
CA GLU B 94 -17.32 11.19 8.82
C GLU B 94 -18.84 11.33 8.75
N GLU B 95 -19.35 12.50 9.14
CA GLU B 95 -20.78 12.73 9.09
C GLU B 95 -21.28 13.02 7.68
N VAL B 96 -20.41 13.48 6.80
CA VAL B 96 -20.80 13.77 5.43
C VAL B 96 -20.10 12.92 4.36
N ILE B 97 -18.94 12.36 4.66
CA ILE B 97 -18.30 11.45 3.70
C ILE B 97 -17.94 10.14 4.40
N ASP B 98 -17.62 9.09 3.64
CA ASP B 98 -17.10 7.83 4.21
C ASP B 98 -15.57 7.76 4.14
N PHE B 99 -14.94 7.19 5.17
CA PHE B 99 -13.50 6.92 5.20
C PHE B 99 -13.17 5.41 5.35
N SER B 100 -12.17 4.93 4.62
CA SER B 100 -11.63 3.60 4.85
C SER B 100 -10.71 3.63 6.08
N LYS B 101 -10.44 2.46 6.66
CA LYS B 101 -9.60 2.40 7.87
C LYS B 101 -8.29 3.13 7.53
N PRO B 102 -7.59 3.64 8.56
CA PRO B 102 -6.41 4.49 8.32
C PRO B 102 -5.30 3.78 7.54
N PHE B 103 -4.72 4.44 6.52
CA PHE B 103 -3.57 3.89 5.87
C PHE B 103 -2.25 4.47 6.43
N MET B 104 -2.37 5.51 7.27
CA MET B 104 -1.21 6.16 7.89
C MET B 104 -1.55 6.84 9.20
N SER B 105 -0.67 6.69 10.17
CA SER B 105 -0.83 7.27 11.49
C SER B 105 -0.09 8.60 11.58
N LEU B 106 -0.55 9.48 12.46
CA LEU B 106 0.08 10.77 12.59
C LEU B 106 -0.54 11.50 13.75
N GLY B 107 0.11 12.59 14.17
CA GLY B 107 -0.45 13.48 15.17
C GLY B 107 0.03 14.90 14.95
N ILE B 108 -0.69 15.88 15.51
CA ILE B 108 -0.26 17.28 15.48
C ILE B 108 1.07 17.38 16.19
N SER B 109 2.02 18.06 15.57
CA SER B 109 3.36 18.21 16.17
C SER B 109 3.89 19.65 16.03
N ILE B 110 5.08 19.89 16.57
CA ILE B 110 5.67 21.22 16.54
C ILE B 110 6.94 21.25 15.74
N MET B 111 6.95 22.12 14.75
CA MET B 111 8.14 22.39 13.94
C MET B 111 8.78 23.72 14.37
N ILE B 112 10.10 23.66 14.63
CA ILE B 112 10.92 24.83 14.96
C ILE B 112 12.15 24.95 14.07
N LYS B 113 12.66 26.16 13.95
CA LYS B 113 14.01 26.35 13.41
C LYS B 113 14.96 25.77 14.46
N LYS B 114 15.96 25.00 14.04
CA LYS B 114 16.88 24.43 15.02
C LYS B 114 17.48 25.52 15.91
N GLY B 115 17.36 25.31 17.22
CA GLY B 115 17.95 26.20 18.19
C GLY B 115 16.92 27.02 18.96
N THR B 116 15.66 26.95 18.54
CA THR B 116 14.58 27.66 19.20
C THR B 116 14.40 27.13 20.61
N PRO B 117 14.22 28.03 21.59
CA PRO B 117 14.04 27.66 23.00
C PRO B 117 12.68 27.05 23.29
N ILE B 118 12.30 25.96 22.63
CA ILE B 118 10.94 25.44 22.76
C ILE B 118 10.96 23.92 22.80
N GLU B 119 10.31 23.35 23.80
CA GLU B 119 10.37 21.91 23.98
C GLU B 119 9.01 21.25 23.93
N SER B 120 7.93 22.02 23.98
CA SER B 120 6.62 21.41 24.07
C SER B 120 5.55 22.43 23.80
N ALA B 121 4.31 21.95 23.82
CA ALA B 121 3.16 22.81 23.63
C ALA B 121 2.99 23.75 24.84
N GLU B 122 3.11 23.20 26.04
CA GLU B 122 2.99 24.00 27.25
C GLU B 122 4.04 25.12 27.28
N ASP B 123 5.17 24.91 26.60
CA ASP B 123 6.20 25.94 26.46
C ASP B 123 5.74 27.04 25.51
N LEU B 124 4.88 26.66 24.58
CA LEU B 124 4.41 27.64 23.62
C LEU B 124 3.29 28.47 24.23
N SER B 125 2.42 27.84 24.99
CA SER B 125 1.29 28.54 25.61
C SER B 125 1.74 29.75 26.46
N LYS B 126 2.62 29.50 27.43
CA LYS B 126 3.04 30.52 28.38
C LYS B 126 4.25 31.34 27.91
N GLN B 127 4.18 31.88 26.70
CA GLN B 127 5.21 32.82 26.22
C GLN B 127 4.72 33.59 24.99
N THR B 128 5.38 34.70 24.70
CA THR B 128 4.88 35.65 23.71
C THR B 128 5.89 35.93 22.63
N GLU B 129 7.17 35.91 23.00
CA GLU B 129 8.22 36.16 22.04
C GLU B 129 8.03 35.35 20.76
N ILE B 130 7.88 34.03 20.87
CA ILE B 130 7.78 33.17 19.69
C ILE B 130 6.33 33.01 19.29
N ALA B 131 6.02 33.46 18.08
CA ALA B 131 4.67 33.30 17.55
C ALA B 131 4.50 31.87 17.02
N TYR B 132 3.27 31.49 16.72
CA TYR B 132 3.01 30.16 16.16
C TYR B 132 1.65 30.11 15.48
N GLY B 133 1.54 29.32 14.40
CA GLY B 133 0.29 29.18 13.68
C GLY B 133 0.02 27.77 13.20
N THR B 134 -1.04 27.62 12.40
CA THR B 134 -1.33 26.35 11.73
C THR B 134 -1.76 26.62 10.28
N LEU B 135 -2.05 25.54 9.55
CA LEU B 135 -2.57 25.67 8.19
C LEU B 135 -4.01 26.18 8.27
N ASP B 136 -4.41 26.95 7.26
CA ASP B 136 -5.73 27.60 7.25
C ASP B 136 -6.98 26.72 7.28
N SER B 137 -7.12 25.76 6.36
CA SER B 137 -8.36 25.00 6.36
C SER B 137 -8.13 23.50 6.51
N GLY B 138 -7.77 23.06 7.70
CA GLY B 138 -7.66 21.63 7.89
C GLY B 138 -8.09 21.23 9.26
N SER B 139 -7.78 19.97 9.57
CA SER B 139 -8.07 19.37 10.85
C SER B 139 -7.21 19.98 11.95
N THR B 140 -6.01 20.44 11.61
CA THR B 140 -5.13 20.96 12.67
C THR B 140 -5.77 22.22 13.28
N LYS B 141 -6.10 23.21 12.45
CA LYS B 141 -6.84 24.40 12.94
C LYS B 141 -8.11 24.04 13.74
N GLU B 142 -8.94 23.15 13.20
CA GLU B 142 -10.17 22.75 13.90
C GLU B 142 -9.96 22.01 15.22
N PHE B 143 -8.84 21.30 15.38
CA PHE B 143 -8.54 20.63 16.66
C PHE B 143 -8.39 21.70 17.73
N PHE B 144 -7.67 22.76 17.41
CA PHE B 144 -7.47 23.81 18.41
C PHE B 144 -8.77 24.57 18.66
N ARG B 145 -9.45 24.98 17.60
CA ARG B 145 -10.74 25.67 17.76
C ARG B 145 -11.79 24.88 18.54
N ARG B 146 -11.73 23.56 18.49
CA ARG B 146 -12.72 22.73 19.15
C ARG B 146 -12.28 22.18 20.55
N SER B 147 -11.05 22.49 20.97
CA SER B 147 -10.48 21.80 22.16
C SER B 147 -10.92 22.34 23.52
N LYS B 148 -11.33 21.45 24.43
CA LYS B 148 -11.72 21.86 25.77
C LYS B 148 -10.50 21.90 26.70
N ILE B 149 -9.57 20.99 26.44
CA ILE B 149 -8.32 20.87 27.19
C ILE B 149 -7.65 22.23 27.44
N ALA B 150 -6.91 22.30 28.54
CA ALA B 150 -6.20 23.50 28.96
C ALA B 150 -5.22 24.05 27.92
N VAL B 151 -3.97 23.58 27.97
CA VAL B 151 -2.92 24.18 27.16
C VAL B 151 -3.38 24.56 25.75
N PHE B 152 -4.22 23.72 25.15
CA PHE B 152 -4.63 23.90 23.75
C PHE B 152 -5.72 24.95 23.62
N ASP B 153 -6.65 24.97 24.57
CA ASP B 153 -7.70 25.95 24.56
C ASP B 153 -7.16 27.38 24.71
N LYS B 154 -6.09 27.52 25.48
CA LYS B 154 -5.43 28.81 25.72
C LYS B 154 -4.58 29.21 24.52
N MET B 155 -4.06 28.20 23.82
CA MET B 155 -3.27 28.38 22.61
C MET B 155 -4.14 28.92 21.50
N TRP B 156 -5.38 28.41 21.44
CA TRP B 156 -6.39 28.83 20.48
C TRP B 156 -6.79 30.28 20.76
N THR B 157 -7.16 30.54 22.01
CA THR B 157 -7.41 31.92 22.42
C THR B 157 -6.37 32.81 21.77
N TYR B 158 -5.09 32.48 21.98
CA TYR B 158 -3.98 33.25 21.40
C TYR B 158 -3.97 33.38 19.87
N MET B 159 -4.01 32.25 19.17
CA MET B 159 -3.84 32.23 17.71
C MET B 159 -4.97 32.91 16.95
N ARG B 160 -6.19 32.75 17.45
CA ARG B 160 -7.32 33.33 16.74
C ARG B 160 -7.25 34.87 16.75
N SER B 161 -6.64 35.43 17.78
CA SER B 161 -6.57 36.88 17.93
C SER B 161 -5.22 37.50 17.61
N ALA B 162 -4.28 36.66 17.20
CA ALA B 162 -2.91 37.11 16.94
C ALA B 162 -2.82 37.95 15.66
N GLU B 163 -1.95 38.95 15.68
CA GLU B 163 -1.81 39.82 14.53
C GLU B 163 -0.35 40.16 14.35
N PRO B 164 0.11 40.12 13.09
CA PRO B 164 -0.68 39.69 11.93
C PRO B 164 -0.98 38.19 12.00
N SER B 165 -2.00 37.73 11.31
CA SER B 165 -2.41 36.32 11.39
C SER B 165 -1.25 35.32 11.44
N VAL B 166 -1.36 34.34 12.32
CA VAL B 166 -0.40 33.24 12.41
C VAL B 166 -0.82 32.04 11.54
N PHE B 167 -1.96 32.12 10.84
CA PHE B 167 -2.32 31.04 9.93
C PHE B 167 -1.73 31.18 8.52
N VAL B 168 -1.52 30.05 7.86
CA VAL B 168 -0.94 30.08 6.53
C VAL B 168 -1.81 29.33 5.53
N ARG B 169 -1.51 29.57 4.26
CA ARG B 169 -2.25 29.06 3.11
C ARG B 169 -1.87 27.63 2.70
N THR B 170 -0.61 27.29 2.89
CA THR B 170 -0.05 26.03 2.45
C THR B 170 1.02 25.65 3.45
N THR B 171 1.44 24.39 3.40
CA THR B 171 2.53 23.89 4.21
C THR B 171 3.83 24.57 3.87
N ALA B 172 4.11 24.69 2.58
CA ALA B 172 5.30 25.41 2.14
C ALA B 172 5.35 26.81 2.73
N GLU B 173 4.20 27.46 2.84
CA GLU B 173 4.19 28.82 3.38
C GLU B 173 4.58 28.74 4.86
N GLY B 174 4.06 27.74 5.55
CA GLY B 174 4.36 27.60 6.97
C GLY B 174 5.86 27.38 7.19
N VAL B 175 6.46 26.54 6.35
CA VAL B 175 7.84 26.16 6.50
C VAL B 175 8.77 27.31 6.14
N ALA B 176 8.42 28.02 5.06
CA ALA B 176 9.23 29.15 4.63
C ALA B 176 9.21 30.22 5.72
N ARG B 177 8.07 30.34 6.40
CA ARG B 177 7.98 31.29 7.50
C ARG B 177 8.89 30.86 8.64
N VAL B 178 8.89 29.56 8.94
CA VAL B 178 9.77 29.03 9.99
C VAL B 178 11.21 29.39 9.68
N ARG B 179 11.63 29.13 8.45
CA ARG B 179 13.02 29.33 8.04
C ARG B 179 13.48 30.78 8.11
N LYS B 180 12.63 31.70 7.66
CA LYS B 180 12.94 33.14 7.60
C LYS B 180 12.78 33.87 8.93
N SER B 181 12.08 33.28 9.89
CA SER B 181 11.74 34.02 11.10
C SER B 181 12.82 33.96 12.20
N LYS B 182 13.96 33.35 11.90
CA LYS B 182 15.05 33.25 12.86
C LYS B 182 14.55 32.78 14.23
N GLY B 183 13.64 31.81 14.20
CA GLY B 183 13.20 31.15 15.41
C GLY B 183 12.12 31.90 16.16
N LYS B 184 11.60 32.95 15.54
CA LYS B 184 10.56 33.75 16.18
C LYS B 184 9.15 33.29 15.74
N TYR B 185 9.10 32.16 15.03
CA TYR B 185 7.81 31.53 14.67
C TYR B 185 7.94 29.99 14.61
N ALA B 186 7.09 29.31 15.37
CA ALA B 186 6.92 27.86 15.34
C ALA B 186 5.64 27.50 14.58
N TYR B 187 5.62 26.32 13.97
CA TYR B 187 4.55 25.91 13.07
C TYR B 187 3.96 24.59 13.56
N LEU B 188 2.65 24.56 13.79
CA LEU B 188 1.95 23.36 14.23
C LEU B 188 1.38 22.63 13.03
N LEU B 189 1.76 21.37 12.89
CA LEU B 189 1.42 20.61 11.71
C LEU B 189 1.57 19.12 11.97
N GLU B 190 0.98 18.31 11.11
CA GLU B 190 1.00 16.85 11.29
C GLU B 190 2.42 16.25 11.27
N SER B 191 2.66 15.31 12.18
CA SER B 191 4.00 14.69 12.34
C SER B 191 4.63 14.14 11.05
N THR B 192 3.80 13.69 10.12
CA THR B 192 4.25 13.14 8.84
C THR B 192 4.95 14.15 7.93
N MET B 193 4.32 15.31 7.79
CA MET B 193 4.87 16.39 7.01
C MET B 193 6.09 17.05 7.73
N ASN B 194 6.10 16.95 9.05
CA ASN B 194 7.16 17.52 9.90
C ASN B 194 8.39 16.64 9.69
N GLU B 195 8.21 15.32 9.81
CA GLU B 195 9.28 14.36 9.51
C GLU B 195 9.85 14.44 8.08
N TYR B 196 9.02 14.58 7.06
CA TYR B 196 9.54 14.73 5.70
C TYR B 196 10.46 15.95 5.58
N ILE B 197 10.00 17.11 6.07
CA ILE B 197 10.72 18.34 5.89
C ILE B 197 12.09 18.29 6.60
N GLU B 198 12.10 17.68 7.77
CA GLU B 198 13.31 17.48 8.59
C GLU B 198 14.40 16.72 7.84
N GLN B 199 14.01 16.03 6.76
CA GLN B 199 14.99 15.24 6.00
C GLN B 199 15.41 15.97 4.72
N ARG B 200 14.98 17.22 4.53
CA ARG B 200 15.31 17.96 3.32
C ARG B 200 16.28 19.10 3.61
N LYS B 201 17.16 19.40 2.66
CA LYS B 201 18.05 20.55 2.76
C LYS B 201 17.17 21.79 2.83
N PRO B 202 17.64 22.87 3.46
CA PRO B 202 18.90 23.09 4.17
C PRO B 202 18.99 22.43 5.56
N CYS B 203 18.12 21.47 5.87
CA CYS B 203 18.24 20.77 7.13
C CYS B 203 18.21 21.72 8.32
N ASP B 204 17.40 22.77 8.24
CA ASP B 204 17.43 23.74 9.33
C ASP B 204 16.24 23.70 10.28
N THR B 205 15.31 22.78 10.05
CA THR B 205 14.14 22.61 10.92
C THR B 205 14.13 21.25 11.62
N MET B 206 13.29 21.13 12.63
CA MET B 206 13.16 19.86 13.31
C MET B 206 11.88 19.81 14.11
N LYS B 207 11.41 18.59 14.33
CA LYS B 207 10.23 18.33 15.15
C LYS B 207 10.65 18.18 16.60
N VAL B 208 10.02 18.95 17.49
CA VAL B 208 10.28 18.76 18.92
C VAL B 208 9.06 18.33 19.71
N GLY B 209 9.32 17.62 20.79
CA GLY B 209 8.25 17.19 21.68
C GLY B 209 7.52 15.98 21.15
N GLY B 210 6.61 15.43 21.94
CA GLY B 210 5.76 14.36 21.46
C GLY B 210 4.55 14.97 20.75
N ASN B 211 3.74 14.13 20.10
CA ASN B 211 2.57 14.61 19.40
C ASN B 211 1.48 15.09 20.37
N LEU B 212 0.65 16.02 19.91
CA LEU B 212 -0.40 16.58 20.78
C LEU B 212 -1.63 15.69 20.76
N ASP B 213 -1.69 14.79 19.77
CA ASP B 213 -2.85 13.93 19.63
C ASP B 213 -2.52 12.75 18.76
N SER B 214 -3.51 11.91 18.45
CA SER B 214 -3.21 10.72 17.66
C SER B 214 -4.35 10.36 16.71
N LYS B 215 -4.07 10.42 15.41
CA LYS B 215 -5.13 10.14 14.44
C LYS B 215 -4.63 9.44 13.18
N GLY B 216 -5.48 9.35 12.15
CA GLY B 216 -5.10 8.71 10.90
C GLY B 216 -5.59 9.37 9.63
N TYR B 217 -4.96 9.03 8.51
CA TYR B 217 -5.43 9.47 7.17
C TYR B 217 -6.20 8.30 6.55
N GLY B 218 -7.33 8.59 5.93
CA GLY B 218 -8.13 7.57 5.28
C GLY B 218 -8.45 7.93 3.84
N ILE B 219 -8.74 6.92 3.03
CA ILE B 219 -9.22 7.10 1.67
C ILE B 219 -10.68 7.43 1.80
N ALA B 220 -11.09 8.51 1.18
CA ALA B 220 -12.46 8.98 1.41
C ALA B 220 -13.30 8.77 0.17
N THR B 221 -14.56 8.41 0.39
CA THR B 221 -15.54 8.28 -0.69
C THR B 221 -16.84 9.01 -0.33
N PRO B 222 -17.71 9.30 -1.34
CA PRO B 222 -19.05 9.88 -1.09
C PRO B 222 -19.89 8.97 -0.22
N LYS B 223 -20.62 9.55 0.74
CA LYS B 223 -21.40 8.77 1.70
C LYS B 223 -22.20 7.68 0.99
N GLY B 224 -22.01 6.45 1.47
CA GLY B 224 -22.74 5.28 0.99
C GLY B 224 -22.38 4.81 -0.40
N SER B 225 -21.27 5.30 -0.95
CA SER B 225 -20.78 4.85 -2.25
C SER B 225 -20.36 3.39 -2.19
N SER B 226 -20.58 2.65 -3.26
CA SER B 226 -20.32 1.22 -3.29
C SER B 226 -18.83 0.95 -3.20
N LEU B 227 -18.04 1.84 -3.80
CA LEU B 227 -16.57 1.76 -3.83
C LEU B 227 -15.92 1.63 -2.47
N GLY B 228 -16.49 2.32 -1.49
CA GLY B 228 -16.04 2.25 -0.10
C GLY B 228 -15.59 0.86 0.31
N ASN B 229 -16.43 -0.15 0.04
CA ASN B 229 -16.18 -1.48 0.57
C ASN B 229 -14.91 -2.10 0.04
N ALA B 230 -14.74 -2.07 -1.27
CA ALA B 230 -13.56 -2.62 -1.90
C ALA B 230 -12.29 -1.88 -1.51
N VAL B 231 -12.36 -0.57 -1.37
CA VAL B 231 -11.14 0.16 -1.07
C VAL B 231 -10.67 -0.04 0.39
N ASN B 232 -11.63 -0.17 1.31
CA ASN B 232 -11.30 -0.51 2.69
C ASN B 232 -10.58 -1.83 2.77
N LEU B 233 -11.15 -2.85 2.13
CA LEU B 233 -10.51 -4.17 2.08
C LEU B 233 -9.11 -4.11 1.48
N ALA B 234 -8.95 -3.28 0.45
CA ALA B 234 -7.65 -3.09 -0.18
C ALA B 234 -6.62 -2.46 0.75
N VAL B 235 -6.97 -1.41 1.49
CA VAL B 235 -6.03 -0.81 2.46
C VAL B 235 -5.54 -1.81 3.52
N LEU B 236 -6.46 -2.55 4.13
CA LEU B 236 -6.11 -3.56 5.11
C LEU B 236 -5.17 -4.62 4.49
N LYS B 237 -5.51 -5.08 3.30
CA LYS B 237 -4.65 -6.07 2.63
C LYS B 237 -3.22 -5.51 2.44
N LEU B 238 -3.14 -4.23 2.05
CA LEU B 238 -1.84 -3.63 1.69
C LEU B 238 -1.01 -3.27 2.90
N ASN B 239 -1.68 -2.91 3.99
CA ASN B 239 -0.97 -2.84 5.25
C ASN B 239 -0.43 -4.22 5.67
N GLU B 240 -1.26 -5.25 5.60
CA GLU B 240 -0.85 -6.60 6.02
C GLU B 240 0.30 -7.15 5.17
N GLN B 241 0.31 -6.84 3.87
CA GLN B 241 1.42 -7.23 3.01
C GLN B 241 2.69 -6.36 3.09
N GLY B 242 2.71 -5.38 3.99
CA GLY B 242 3.87 -4.52 4.16
C GLY B 242 4.02 -3.37 3.16
N LEU B 243 3.08 -3.23 2.23
CA LEU B 243 3.18 -2.21 1.17
C LEU B 243 3.28 -0.79 1.72
N LEU B 244 2.51 -0.49 2.76
CA LEU B 244 2.41 0.90 3.22
C LEU B 244 3.71 1.33 3.87
N ASP B 245 4.36 0.39 4.58
CA ASP B 245 5.62 0.67 5.26
C ASP B 245 6.75 0.87 4.27
N LYS B 246 6.82 0.01 3.26
CA LYS B 246 7.76 0.20 2.14
C LYS B 246 7.63 1.59 1.48
N LEU B 247 6.40 2.00 1.18
CA LEU B 247 6.16 3.30 0.57
C LEU B 247 6.58 4.45 1.46
N LYS B 248 6.35 4.35 2.77
CA LYS B 248 6.78 5.46 3.60
C LYS B 248 8.30 5.61 3.58
N ASN B 249 8.98 4.47 3.60
CA ASN B 249 10.43 4.50 3.62
C ASN B 249 11.02 5.09 2.34
N LYS B 250 10.43 4.68 1.21
CA LYS B 250 10.83 5.13 -0.12
C LYS B 250 10.76 6.67 -0.25
N TRP B 251 9.67 7.25 0.24
CA TRP B 251 9.41 8.69 0.06
C TRP B 251 9.87 9.60 1.20
N TRP B 252 10.13 9.04 2.38
CA TRP B 252 10.59 9.80 3.53
C TRP B 252 12.09 9.71 3.78
N TYR B 253 12.58 8.47 3.74
CA TYR B 253 13.86 8.14 4.35
C TYR B 253 14.90 7.63 3.39
N ASP B 254 14.50 6.75 2.47
CA ASP B 254 15.37 6.35 1.39
C ASP B 254 15.64 7.59 0.54
N LYS B 255 15.22 8.74 1.07
CA LYS B 255 15.38 10.02 0.36
C LYS B 255 16.18 11.03 1.16
N GLY B 256 16.51 10.68 2.40
CA GLY B 256 17.16 11.59 3.33
C GLY B 256 18.32 12.39 2.76
N GLU B 257 18.65 13.49 3.44
CA GLU B 257 19.77 14.32 3.04
C GLU B 257 20.25 15.15 4.23
N CYS B 258 19.80 14.78 5.42
CA CYS B 258 20.18 15.51 6.62
C CYS B 258 20.76 14.58 7.71
N LYS C 1 -10.73 -4.06 -48.92
CA LYS C 1 -10.07 -2.94 -49.57
C LYS C 1 -8.75 -2.64 -48.87
N THR C 2 -8.66 -1.51 -48.20
CA THR C 2 -7.46 -1.18 -47.48
C THR C 2 -7.40 -2.02 -46.21
N VAL C 3 -6.34 -2.82 -46.08
CA VAL C 3 -6.15 -3.67 -44.92
C VAL C 3 -5.83 -2.88 -43.64
N VAL C 4 -6.54 -3.18 -42.56
CA VAL C 4 -6.26 -2.52 -41.28
C VAL C 4 -5.25 -3.30 -40.44
N VAL C 5 -4.05 -2.78 -40.30
CA VAL C 5 -2.98 -3.44 -39.54
C VAL C 5 -2.95 -2.87 -38.12
N THR C 6 -3.09 -3.74 -37.11
CA THR C 6 -2.90 -3.38 -35.71
C THR C 6 -1.42 -3.69 -35.33
N THR C 7 -0.81 -2.76 -34.63
CA THR C 7 0.55 -2.96 -34.17
C THR C 7 0.75 -2.21 -32.85
N ILE C 8 1.97 -2.16 -32.31
CA ILE C 8 2.18 -1.64 -30.94
C ILE C 8 3.49 -0.84 -30.86
N LEU C 9 3.51 0.25 -30.09
CA LEU C 9 4.71 1.11 -30.08
C LEU C 9 5.80 0.37 -29.29
N GLU C 10 6.73 -0.26 -29.98
CA GLU C 10 7.73 -1.08 -29.26
C GLU C 10 9.03 -1.03 -30.01
N SER C 11 10.07 -0.45 -29.42
CA SER C 11 11.38 -0.34 -30.07
C SER C 11 12.10 -1.69 -30.15
N PRO C 12 12.78 -1.97 -31.28
CA PRO C 12 12.81 -1.16 -32.51
C PRO C 12 11.81 -1.68 -33.56
N TYR C 13 10.74 -2.34 -33.11
CA TYR C 13 9.71 -2.83 -34.01
C TYR C 13 8.89 -1.70 -34.67
N VAL C 14 8.38 -0.77 -33.85
CA VAL C 14 7.53 0.30 -34.35
C VAL C 14 7.75 1.52 -33.50
N MET C 15 8.25 2.57 -34.14
CA MET C 15 8.62 3.79 -33.46
C MET C 15 8.12 4.98 -34.24
N MET C 16 7.65 5.98 -33.51
CA MET C 16 7.31 7.27 -34.08
C MET C 16 8.60 7.97 -34.57
N LYS C 17 8.67 8.32 -35.84
CA LYS C 17 9.83 9.06 -36.33
C LYS C 17 9.91 10.44 -35.68
N LYS C 18 11.13 10.86 -35.35
CA LYS C 18 11.35 12.12 -34.66
C LYS C 18 10.66 13.27 -35.41
N ASN C 19 10.33 14.14 -34.43
CA ASN C 19 10.30 15.58 -34.41
C ASN C 19 9.23 15.59 -35.33
N HIS C 20 8.85 14.34 -35.56
CA HIS C 20 8.35 14.04 -36.89
C HIS C 20 7.21 13.10 -36.69
N GLU C 21 6.15 13.70 -36.13
CA GLU C 21 4.73 13.34 -36.23
C GLU C 21 3.94 14.65 -36.43
N MET C 22 2.70 14.70 -35.96
CA MET C 22 1.84 15.88 -36.12
C MET C 22 1.33 15.76 -37.53
N LEU C 23 1.92 14.76 -38.18
CA LEU C 23 1.63 14.33 -39.54
C LEU C 23 0.62 13.19 -39.50
N GLU C 24 0.38 12.60 -40.67
CA GLU C 24 -0.61 11.54 -40.83
C GLU C 24 -0.06 10.36 -41.64
N GLY C 25 -0.75 9.23 -41.55
CA GLY C 25 -0.47 8.14 -42.46
C GLY C 25 0.68 7.30 -41.98
N ASN C 26 0.97 6.25 -42.75
CA ASN C 26 1.98 5.23 -42.45
C ASN C 26 3.39 5.76 -42.34
N GLU C 27 3.68 6.83 -43.07
CA GLU C 27 4.95 7.55 -43.01
C GLU C 27 5.45 7.99 -41.64
N ARG C 28 4.53 8.14 -40.70
CA ARG C 28 4.89 8.56 -39.33
C ARG C 28 5.86 7.64 -38.62
N TYR C 29 5.85 6.35 -39.00
CA TYR C 29 6.48 5.30 -38.18
C TYR C 29 7.65 4.66 -38.89
N GLU C 30 8.61 4.17 -38.11
CA GLU C 30 9.70 3.37 -38.67
C GLU C 30 10.00 2.22 -37.76
N GLY C 31 10.73 1.25 -38.30
CA GLY C 31 11.18 0.09 -37.53
C GLY C 31 11.12 -1.23 -38.27
N TYR C 32 11.62 -2.28 -37.64
CA TYR C 32 11.58 -3.62 -38.22
C TYR C 32 10.18 -4.01 -38.70
N CYS C 33 9.17 -3.84 -37.84
CA CYS C 33 7.81 -4.27 -38.19
C CYS C 33 7.16 -3.36 -39.25
N VAL C 34 7.69 -2.16 -39.42
CA VAL C 34 7.23 -1.26 -40.49
C VAL C 34 7.76 -1.72 -41.86
N ASP C 35 9.05 -2.04 -41.92
CA ASP C 35 9.63 -2.61 -43.14
C ASP C 35 8.99 -3.97 -43.45
N LEU C 36 8.78 -4.78 -42.41
CA LEU C 36 8.13 -6.07 -42.63
C LEU C 36 6.75 -5.91 -43.23
N ALA C 37 5.97 -4.94 -42.73
CA ALA C 37 4.57 -4.76 -43.17
C ALA C 37 4.59 -4.33 -44.62
N ALA C 38 5.61 -3.58 -44.97
CA ALA C 38 5.77 -3.17 -46.36
C ALA C 38 6.13 -4.33 -47.34
N GLU C 39 7.13 -5.21 -47.06
CA GLU C 39 7.38 -6.39 -47.99
C GLU C 39 6.16 -7.33 -48.02
N ILE C 40 5.50 -7.56 -46.87
CA ILE C 40 4.33 -8.45 -46.81
C ILE C 40 3.19 -7.94 -47.71
N ALA C 41 2.91 -6.64 -47.63
CA ALA C 41 1.86 -6.02 -48.43
C ALA C 41 2.26 -6.03 -49.90
N LYS C 42 3.55 -5.91 -50.14
CA LYS C 42 4.06 -6.01 -51.50
C LYS C 42 3.90 -7.42 -52.09
N HIS C 43 4.36 -8.45 -51.38
CA HIS C 43 4.27 -9.82 -51.92
C HIS C 43 2.84 -10.39 -52.01
N CYS C 44 1.91 -9.87 -51.24
CA CYS C 44 0.52 -10.38 -51.26
C CYS C 44 -0.42 -9.47 -52.05
N GLY C 45 0.08 -8.28 -52.36
CA GLY C 45 -0.60 -7.35 -53.22
C GLY C 45 -1.76 -6.61 -52.59
N PHE C 46 -1.52 -5.89 -51.50
CA PHE C 46 -2.58 -5.11 -50.86
C PHE C 46 -2.14 -3.75 -50.31
N LYS C 47 -3.08 -2.82 -50.20
CA LYS C 47 -2.81 -1.53 -49.57
C LYS C 47 -3.21 -1.65 -48.11
N TYR C 48 -2.52 -0.94 -47.21
CA TYR C 48 -2.80 -1.14 -45.79
C TYR C 48 -2.80 0.17 -45.02
N LYS C 49 -3.35 0.16 -43.81
CA LYS C 49 -3.24 1.31 -42.90
C LYS C 49 -2.70 0.87 -41.54
N LEU C 50 -1.57 1.45 -41.13
CA LEU C 50 -1.03 1.14 -39.80
C LEU C 50 -1.75 1.87 -38.65
N THR C 51 -2.09 1.09 -37.64
CA THR C 51 -2.92 1.52 -36.54
C THR C 51 -2.30 1.01 -35.23
N ILE C 52 -2.21 1.89 -34.24
CA ILE C 52 -1.63 1.52 -32.96
C ILE C 52 -2.70 1.01 -31.99
N VAL C 53 -2.60 -0.25 -31.54
CA VAL C 53 -3.60 -0.79 -30.59
C VAL C 53 -3.94 0.21 -29.46
N GLY C 54 -5.24 0.49 -29.34
CA GLY C 54 -5.76 1.50 -28.43
C GLY C 54 -5.48 1.32 -26.93
N ASP C 55 -5.44 0.09 -26.45
CA ASP C 55 -5.15 -0.12 -25.02
C ASP C 55 -3.66 -0.41 -24.77
N GLY C 56 -2.86 -0.26 -25.82
CA GLY C 56 -1.43 -0.51 -25.72
C GLY C 56 -0.96 -1.85 -25.20
N LYS C 57 -1.75 -2.91 -25.39
CA LYS C 57 -1.34 -4.23 -24.89
C LYS C 57 -1.18 -5.31 -25.98
N TYR C 58 -0.46 -6.40 -25.67
CA TYR C 58 -0.27 -7.51 -26.61
C TYR C 58 -1.51 -8.38 -26.82
N GLY C 59 -1.98 -9.02 -25.76
CA GLY C 59 -3.18 -9.83 -25.84
C GLY C 59 -3.23 -10.79 -24.65
N ALA C 60 -4.26 -10.68 -23.81
CA ALA C 60 -4.56 -11.72 -22.83
C ALA C 60 -6.07 -11.75 -22.58
N ARG C 61 -6.55 -12.84 -21.99
CA ARG C 61 -7.98 -13.03 -21.76
C ARG C 61 -8.32 -12.84 -20.29
N ASP C 62 -9.08 -11.79 -19.99
CA ASP C 62 -9.49 -11.50 -18.60
C ASP C 62 -10.16 -12.71 -17.92
N ALA C 63 -9.66 -13.07 -16.75
CA ALA C 63 -10.11 -14.27 -16.02
C ALA C 63 -11.61 -14.22 -15.66
N ASP C 64 -12.07 -13.03 -15.28
CA ASP C 64 -13.44 -12.80 -14.82
C ASP C 64 -14.42 -12.70 -15.97
N THR C 65 -14.13 -11.77 -16.88
CA THR C 65 -15.04 -11.49 -17.97
C THR C 65 -14.78 -12.28 -19.26
N LYS C 66 -13.68 -13.04 -19.32
CA LYS C 66 -13.38 -13.86 -20.49
C LYS C 66 -13.15 -13.04 -21.79
N ILE C 67 -12.95 -11.75 -21.63
CA ILE C 67 -12.78 -10.86 -22.77
C ILE C 67 -11.31 -10.66 -23.16
N TRP C 68 -11.00 -10.82 -24.44
CA TRP C 68 -9.62 -10.59 -24.90
C TRP C 68 -9.31 -9.08 -25.01
N ASN C 69 -8.18 -8.65 -24.46
CA ASN C 69 -7.64 -7.32 -24.69
C ASN C 69 -6.51 -7.29 -25.75
N GLY C 70 -5.91 -6.10 -25.95
CA GLY C 70 -4.75 -5.91 -26.80
C GLY C 70 -4.89 -6.23 -28.28
N MET C 71 -3.77 -6.40 -28.96
CA MET C 71 -3.84 -6.74 -30.39
C MET C 71 -4.63 -8.01 -30.63
N VAL C 72 -4.57 -8.94 -29.69
CA VAL C 72 -5.33 -10.18 -29.89
C VAL C 72 -6.83 -9.88 -29.95
N GLY C 73 -7.30 -8.97 -29.09
CA GLY C 73 -8.70 -8.54 -29.09
C GLY C 73 -9.12 -7.81 -30.36
N GLU C 74 -8.24 -6.97 -30.86
CA GLU C 74 -8.53 -6.30 -32.12
C GLU C 74 -8.94 -7.29 -33.19
N LEU C 75 -8.12 -8.35 -33.37
CA LEU C 75 -8.44 -9.45 -34.28
C LEU C 75 -9.71 -10.21 -33.94
N VAL C 76 -9.81 -10.65 -32.69
CA VAL C 76 -10.92 -11.53 -32.30
C VAL C 76 -12.27 -10.85 -32.55
N TYR C 77 -12.33 -9.55 -32.27
CA TYR C 77 -13.59 -8.81 -32.31
C TYR C 77 -13.81 -8.04 -33.62
N GLY C 78 -12.93 -8.22 -34.58
CA GLY C 78 -13.14 -7.67 -35.91
C GLY C 78 -12.78 -6.20 -36.05
N LYS C 79 -11.88 -5.73 -35.20
CA LYS C 79 -11.45 -4.34 -35.28
C LYS C 79 -10.24 -4.19 -36.21
N ALA C 80 -9.56 -5.28 -36.52
CA ALA C 80 -8.45 -5.18 -37.45
C ALA C 80 -8.36 -6.43 -38.27
N ASP C 81 -7.65 -6.34 -39.39
CA ASP C 81 -7.49 -7.45 -40.33
C ASP C 81 -6.26 -8.31 -40.06
N ILE C 82 -5.20 -7.71 -39.51
CA ILE C 82 -3.93 -8.42 -39.41
C ILE C 82 -3.12 -7.69 -38.36
N ALA C 83 -2.26 -8.43 -37.65
CA ALA C 83 -1.35 -7.85 -36.63
C ALA C 83 0.05 -8.12 -37.07
N ILE C 84 0.84 -7.06 -37.06
CA ILE C 84 2.22 -7.13 -37.47
C ILE C 84 3.01 -6.49 -36.35
N ALA C 85 3.58 -7.35 -35.51
CA ALA C 85 4.25 -6.95 -34.28
C ALA C 85 4.99 -8.14 -33.60
N PRO C 86 5.82 -7.82 -32.61
CA PRO C 86 6.52 -8.86 -31.85
C PRO C 86 5.50 -9.59 -30.96
N LEU C 87 4.53 -10.21 -31.62
CA LEU C 87 3.44 -10.95 -31.01
C LEU C 87 3.80 -12.45 -30.91
N THR C 88 3.90 -12.95 -29.68
CA THR C 88 4.35 -14.33 -29.42
C THR C 88 3.31 -15.41 -29.81
N ILE C 89 3.76 -16.40 -30.59
CA ILE C 89 2.95 -17.58 -30.87
C ILE C 89 2.75 -18.39 -29.53
N THR C 90 1.52 -18.61 -29.11
CA THR C 90 1.30 -19.40 -27.90
C THR C 90 0.08 -20.28 -28.15
N LEU C 91 -0.12 -21.30 -27.31
CA LEU C 91 -1.25 -22.20 -27.47
C LEU C 91 -2.58 -21.51 -27.22
N VAL C 92 -2.71 -20.72 -26.15
CA VAL C 92 -4.03 -20.11 -25.92
C VAL C 92 -4.43 -19.18 -27.05
N ARG C 93 -3.46 -18.48 -27.63
CA ARG C 93 -3.77 -17.55 -28.74
C ARG C 93 -4.09 -18.27 -30.05
N GLU C 94 -3.36 -19.35 -30.34
CA GLU C 94 -3.58 -20.13 -31.54
C GLU C 94 -5.02 -20.68 -31.60
N GLU C 95 -5.61 -20.90 -30.43
CA GLU C 95 -6.95 -21.43 -30.37
C GLU C 95 -7.96 -20.39 -30.88
N VAL C 96 -7.62 -19.10 -30.79
CA VAL C 96 -8.56 -18.04 -31.17
C VAL C 96 -8.15 -17.23 -32.42
N ILE C 97 -6.87 -17.23 -32.78
CA ILE C 97 -6.41 -16.54 -34.01
C ILE C 97 -5.45 -17.45 -34.83
N ASP C 98 -5.21 -17.10 -36.09
CA ASP C 98 -4.15 -17.78 -36.84
C ASP C 98 -2.79 -17.05 -36.83
N PHE C 99 -1.74 -17.84 -36.87
CA PHE C 99 -0.38 -17.32 -36.92
C PHE C 99 0.34 -17.87 -38.15
N SER C 100 1.14 -17.02 -38.79
CA SER C 100 2.07 -17.48 -39.80
C SER C 100 3.17 -18.27 -39.06
N LYS C 101 4.00 -18.99 -39.81
CA LYS C 101 5.22 -19.54 -39.25
C LYS C 101 5.99 -18.35 -38.70
N PRO C 102 6.92 -18.59 -37.79
CA PRO C 102 7.60 -17.45 -37.13
C PRO C 102 8.52 -16.63 -38.05
N PHE C 103 8.62 -15.32 -37.84
CA PHE C 103 9.53 -14.54 -38.64
C PHE C 103 10.78 -14.19 -37.84
N MET C 104 10.78 -14.53 -36.55
CA MET C 104 11.89 -14.23 -35.63
C MET C 104 11.83 -15.22 -34.47
N SER C 105 12.97 -15.57 -33.91
CA SER C 105 13.06 -16.51 -32.80
C SER C 105 13.53 -15.74 -31.60
N LEU C 106 13.14 -16.19 -30.41
CA LEU C 106 13.58 -15.52 -29.19
C LEU C 106 13.33 -16.41 -27.99
N GLY C 107 13.75 -15.93 -26.83
CA GLY C 107 13.41 -16.56 -25.58
C GLY C 107 13.28 -15.53 -24.48
N ILE C 108 12.62 -15.93 -23.39
CA ILE C 108 12.64 -15.17 -22.17
C ILE C 108 14.09 -15.12 -21.61
N SER C 109 14.51 -13.95 -21.15
CA SER C 109 15.88 -13.70 -20.71
C SER C 109 15.88 -12.70 -19.53
N ILE C 110 17.03 -12.54 -18.87
CA ILE C 110 17.17 -11.60 -17.77
C ILE C 110 17.91 -10.28 -18.08
N MET C 111 17.32 -9.17 -17.66
CA MET C 111 17.91 -7.86 -17.77
C MET C 111 18.30 -7.28 -16.43
N ILE C 112 19.58 -6.98 -16.29
CA ILE C 112 20.08 -6.41 -15.07
C ILE C 112 20.74 -5.10 -15.34
N LYS C 113 20.85 -4.34 -14.27
CA LYS C 113 21.70 -3.17 -14.34
C LYS C 113 23.11 -3.69 -14.16
N LYS C 114 24.06 -3.14 -14.90
CA LYS C 114 25.46 -3.59 -14.78
C LYS C 114 25.97 -3.62 -13.34
N GLY C 115 26.59 -4.74 -12.97
CA GLY C 115 27.15 -4.92 -11.64
C GLY C 115 26.24 -5.67 -10.66
N THR C 116 25.01 -5.94 -11.06
CA THR C 116 24.07 -6.75 -10.23
C THR C 116 24.57 -8.19 -10.11
N PRO C 117 24.66 -8.72 -8.87
CA PRO C 117 25.22 -10.07 -8.61
C PRO C 117 24.24 -11.17 -8.99
N ILE C 118 23.95 -11.34 -10.29
CA ILE C 118 22.96 -12.29 -10.78
C ILE C 118 23.45 -12.88 -12.11
N GLU C 119 23.61 -14.20 -12.17
CA GLU C 119 24.05 -14.84 -13.40
C GLU C 119 22.89 -15.54 -14.14
N SER C 120 21.90 -16.03 -13.37
CA SER C 120 20.86 -16.93 -13.92
C SER C 120 19.50 -16.82 -13.22
N ALA C 121 18.48 -17.52 -13.73
CA ALA C 121 17.17 -17.56 -13.08
C ALA C 121 17.23 -18.27 -11.71
N GLU C 122 17.99 -19.34 -11.65
CA GLU C 122 18.19 -19.97 -10.36
C GLU C 122 18.77 -18.98 -9.33
N ASP C 123 19.73 -18.15 -9.73
CA ASP C 123 20.23 -17.14 -8.79
C ASP C 123 19.08 -16.26 -8.26
N LEU C 124 18.25 -15.73 -9.16
CA LEU C 124 17.11 -14.91 -8.74
C LEU C 124 16.24 -15.62 -7.70
N SER C 125 15.97 -16.90 -7.93
CA SER C 125 15.03 -17.67 -7.10
C SER C 125 15.52 -17.99 -5.67
N LYS C 126 16.82 -17.85 -5.40
CA LYS C 126 17.42 -18.23 -4.13
C LYS C 126 17.84 -17.02 -3.30
N GLN C 127 17.16 -15.89 -3.51
CA GLN C 127 17.53 -14.64 -2.83
C GLN C 127 16.35 -13.69 -2.71
N THR C 128 16.50 -12.66 -1.89
CA THR C 128 15.38 -11.78 -1.58
C THR C 128 15.69 -10.32 -1.86
N GLU C 129 16.93 -9.91 -1.62
CA GLU C 129 17.30 -8.51 -1.81
C GLU C 129 16.90 -7.91 -3.17
N ILE C 130 17.01 -8.70 -4.23
CA ILE C 130 16.71 -8.17 -5.56
C ILE C 130 15.34 -8.62 -6.05
N ALA C 131 14.44 -7.65 -6.23
CA ALA C 131 13.08 -7.88 -6.71
C ALA C 131 13.15 -8.17 -8.20
N TYR C 132 12.14 -8.84 -8.73
CA TYR C 132 12.09 -9.04 -10.19
C TYR C 132 10.64 -9.25 -10.69
N GLY C 133 10.36 -8.92 -11.96
CA GLY C 133 9.04 -9.11 -12.53
C GLY C 133 8.98 -9.03 -14.04
N THR C 134 7.77 -8.99 -14.57
CA THR C 134 7.57 -9.05 -16.02
C THR C 134 6.58 -8.01 -16.52
N LEU C 135 6.46 -7.92 -17.84
CA LEU C 135 5.44 -7.11 -18.48
C LEU C 135 4.08 -7.64 -18.03
N ASP C 136 3.14 -6.73 -17.79
CA ASP C 136 1.89 -7.07 -17.09
C ASP C 136 0.89 -7.97 -17.80
N SER C 137 0.80 -7.90 -19.14
CA SER C 137 -0.28 -8.63 -19.83
C SER C 137 0.16 -9.35 -21.11
N GLY C 138 1.21 -10.14 -21.03
CA GLY C 138 1.73 -10.79 -22.22
C GLY C 138 2.19 -12.22 -21.98
N SER C 139 2.89 -12.77 -22.96
CA SER C 139 3.26 -14.18 -22.86
C SER C 139 4.28 -14.51 -21.76
N THR C 140 5.12 -13.55 -21.35
CA THR C 140 6.18 -13.85 -20.38
C THR C 140 5.51 -14.15 -19.04
N LYS C 141 4.60 -13.29 -18.64
CA LYS C 141 3.87 -13.44 -17.41
C LYS C 141 3.11 -14.79 -17.38
N GLU C 142 2.54 -15.20 -18.50
CA GLU C 142 1.84 -16.49 -18.55
C GLU C 142 2.81 -17.69 -18.61
N PHE C 143 3.97 -17.50 -19.23
CA PHE C 143 5.01 -18.51 -19.09
C PHE C 143 5.21 -18.86 -17.60
N PHE C 144 5.35 -17.86 -16.75
CA PHE C 144 5.66 -18.13 -15.35
C PHE C 144 4.42 -18.65 -14.60
N ARG C 145 3.25 -18.08 -14.89
CA ARG C 145 2.02 -18.48 -14.19
C ARG C 145 1.71 -19.97 -14.33
N ARG C 146 2.16 -20.57 -15.42
CA ARG C 146 1.80 -21.94 -15.69
C ARG C 146 2.94 -22.94 -15.69
N SER C 147 4.16 -22.53 -15.42
CA SER C 147 5.25 -23.52 -15.39
C SER C 147 5.21 -24.41 -14.14
N LYS C 148 5.62 -25.67 -14.30
CA LYS C 148 5.74 -26.60 -13.18
C LYS C 148 7.22 -26.86 -12.92
N ILE C 149 8.05 -26.36 -13.84
CA ILE C 149 9.48 -26.37 -13.66
C ILE C 149 9.82 -25.67 -12.35
N ALA C 150 10.62 -26.34 -11.53
CA ALA C 150 10.69 -26.02 -10.11
C ALA C 150 11.15 -24.58 -9.81
N VAL C 151 12.18 -24.13 -10.53
CA VAL C 151 12.70 -22.78 -10.39
C VAL C 151 11.69 -21.73 -10.85
N PHE C 152 10.94 -22.00 -11.93
CA PHE C 152 9.96 -21.03 -12.39
C PHE C 152 8.70 -20.98 -11.50
N ASP C 153 8.24 -22.13 -11.00
CA ASP C 153 7.14 -22.14 -10.02
C ASP C 153 7.55 -21.29 -8.81
N LYS C 154 8.73 -21.56 -8.28
CA LYS C 154 9.25 -20.75 -7.19
C LYS C 154 9.18 -19.23 -7.50
N MET C 155 9.71 -18.85 -8.66
CA MET C 155 9.65 -17.46 -9.11
C MET C 155 8.24 -16.87 -9.16
N TRP C 156 7.29 -17.59 -9.76
CA TRP C 156 5.91 -17.15 -9.86
C TRP C 156 5.23 -16.99 -8.50
N THR C 157 5.49 -17.90 -7.58
CA THR C 157 4.87 -17.83 -6.26
C THR C 157 5.28 -16.54 -5.55
N TYR C 158 6.56 -16.21 -5.63
CA TYR C 158 7.02 -14.89 -5.20
C TYR C 158 6.41 -13.73 -5.99
N MET C 159 6.61 -13.71 -7.29
CA MET C 159 6.10 -12.59 -8.10
C MET C 159 4.62 -12.34 -7.96
N ARG C 160 3.82 -13.39 -7.85
CA ARG C 160 2.38 -13.18 -7.91
C ARG C 160 1.83 -12.42 -6.69
N SER C 161 2.61 -12.41 -5.61
CA SER C 161 2.12 -11.78 -4.38
C SER C 161 3.07 -10.73 -3.81
N ALA C 162 4.12 -10.39 -4.56
CA ALA C 162 5.05 -9.38 -4.05
C ALA C 162 4.36 -8.00 -4.09
N GLU C 163 4.66 -7.15 -3.12
CA GLU C 163 4.24 -5.76 -3.32
C GLU C 163 5.33 -4.79 -2.85
N PRO C 164 5.45 -3.64 -3.50
CA PRO C 164 4.57 -3.22 -4.59
C PRO C 164 4.68 -4.18 -5.77
N SER C 165 3.70 -4.11 -6.67
CA SER C 165 3.67 -5.00 -7.81
C SER C 165 4.99 -4.98 -8.61
N VAL C 166 5.45 -6.16 -9.03
CA VAL C 166 6.73 -6.26 -9.75
C VAL C 166 6.50 -6.19 -11.27
N PHE C 167 5.22 -6.11 -11.63
CA PHE C 167 4.74 -6.15 -13.00
C PHE C 167 4.66 -4.73 -13.48
N VAL C 168 5.01 -4.49 -14.74
CA VAL C 168 4.96 -3.15 -15.27
C VAL C 168 4.02 -3.09 -16.46
N ARG C 169 3.62 -1.88 -16.80
CA ARG C 169 2.65 -1.64 -17.85
C ARG C 169 3.29 -1.72 -19.26
N THR C 170 4.55 -1.31 -19.40
CA THR C 170 5.20 -1.27 -20.74
C THR C 170 6.66 -1.68 -20.62
N THR C 171 7.33 -1.94 -21.75
CA THR C 171 8.72 -2.37 -21.72
C THR C 171 9.59 -1.22 -21.25
N ALA C 172 9.33 -0.03 -21.80
CA ALA C 172 9.99 1.17 -21.29
C ALA C 172 9.91 1.31 -19.76
N GLU C 173 8.76 0.97 -19.17
CA GLU C 173 8.66 1.05 -17.72
C GLU C 173 9.56 0.01 -17.02
N GLY C 174 9.60 -1.23 -17.49
CA GLY C 174 10.54 -2.18 -16.90
C GLY C 174 11.98 -1.74 -16.94
N VAL C 175 12.41 -1.19 -18.08
CA VAL C 175 13.79 -0.73 -18.28
C VAL C 175 14.12 0.44 -17.37
N ALA C 176 13.24 1.43 -17.33
CA ALA C 176 13.46 2.57 -16.41
C ALA C 176 13.48 2.08 -14.96
N ARG C 177 12.72 1.03 -14.65
CA ARG C 177 12.74 0.55 -13.28
C ARG C 177 14.08 -0.17 -13.00
N VAL C 178 14.66 -0.82 -14.01
CA VAL C 178 15.96 -1.43 -13.84
C VAL C 178 17.01 -0.33 -13.57
N ARG C 179 17.04 0.64 -14.47
CA ARG C 179 17.98 1.78 -14.42
C ARG C 179 17.93 2.60 -13.12
N LYS C 180 16.76 2.70 -12.49
CA LYS C 180 16.58 3.55 -11.30
C LYS C 180 16.74 2.82 -9.97
N SER C 181 16.80 1.48 -10.01
CA SER C 181 16.62 0.73 -8.76
C SER C 181 17.95 0.38 -8.13
N LYS C 182 19.01 0.96 -8.68
CA LYS C 182 20.37 0.74 -8.19
C LYS C 182 20.75 -0.72 -8.00
N GLY C 183 20.19 -1.59 -8.84
CA GLY C 183 20.58 -2.99 -8.86
C GLY C 183 19.59 -3.84 -8.09
N LYS C 184 18.62 -3.19 -7.48
CA LYS C 184 17.61 -3.88 -6.67
C LYS C 184 16.42 -4.36 -7.49
N TYR C 185 16.42 -4.09 -8.78
CA TYR C 185 15.37 -4.71 -9.62
C TYR C 185 15.88 -5.30 -10.92
N ALA C 186 15.51 -6.55 -11.16
CA ALA C 186 15.82 -7.23 -12.41
C ALA C 186 14.54 -7.50 -13.24
N TYR C 187 14.66 -7.35 -14.57
CA TYR C 187 13.54 -7.43 -15.50
C TYR C 187 13.61 -8.67 -16.44
N LEU C 188 12.53 -9.44 -16.43
CA LEU C 188 12.41 -10.65 -17.24
C LEU C 188 11.67 -10.26 -18.53
N LEU C 189 12.36 -10.31 -19.65
CA LEU C 189 11.73 -9.90 -20.90
C LEU C 189 12.33 -10.76 -22.02
N GLU C 190 11.81 -10.56 -23.23
CA GLU C 190 12.22 -11.33 -24.36
C GLU C 190 13.60 -10.91 -24.86
N SER C 191 14.39 -11.88 -25.32
CA SER C 191 15.84 -11.66 -25.58
C SER C 191 16.08 -10.65 -26.70
N THR C 192 15.15 -10.58 -27.65
CA THR C 192 15.21 -9.60 -28.76
C THR C 192 15.16 -8.15 -28.27
N MET C 193 14.28 -7.90 -27.31
CA MET C 193 14.14 -6.53 -26.73
C MET C 193 15.35 -6.24 -25.82
N ASN C 194 15.74 -7.22 -25.03
CA ASN C 194 16.93 -7.12 -24.15
C ASN C 194 18.21 -6.78 -24.92
N GLU C 195 18.43 -7.45 -26.04
CA GLU C 195 19.60 -7.22 -26.90
C GLU C 195 19.62 -5.85 -27.57
N TYR C 196 18.47 -5.35 -27.99
CA TYR C 196 18.39 -3.99 -28.49
C TYR C 196 18.70 -2.94 -27.42
N ILE C 197 18.17 -3.10 -26.23
CA ILE C 197 18.31 -2.12 -25.17
C ILE C 197 19.78 -2.10 -24.71
N GLU C 198 20.42 -3.27 -24.76
CA GLU C 198 21.82 -3.47 -24.42
C GLU C 198 22.76 -2.58 -25.30
N GLN C 199 22.34 -2.26 -26.52
CA GLN C 199 23.17 -1.44 -27.41
C GLN C 199 22.70 0.01 -27.51
N ARG C 200 21.92 0.50 -26.56
CA ARG C 200 21.53 1.92 -26.60
C ARG C 200 21.99 2.68 -25.38
N LYS C 201 22.40 3.92 -25.57
CA LYS C 201 22.75 4.79 -24.44
C LYS C 201 21.55 4.80 -23.54
N PRO C 202 21.78 4.87 -22.22
CA PRO C 202 23.08 5.10 -21.57
C PRO C 202 23.97 3.88 -21.34
N CYS C 203 23.62 2.70 -21.83
CA CYS C 203 24.58 1.57 -21.79
C CYS C 203 24.79 1.03 -20.38
N ASP C 204 23.74 0.98 -19.59
CA ASP C 204 23.86 0.62 -18.19
C ASP C 204 23.14 -0.67 -17.76
N THR C 205 22.54 -1.35 -18.74
CA THR C 205 21.86 -2.62 -18.50
C THR C 205 22.40 -3.67 -19.45
N MET C 206 22.27 -4.95 -19.07
CA MET C 206 22.79 -6.01 -19.89
C MET C 206 21.99 -7.29 -19.74
N LYS C 207 22.06 -8.13 -20.77
CA LYS C 207 21.53 -9.49 -20.74
C LYS C 207 22.49 -10.44 -20.03
N VAL C 208 21.97 -11.25 -19.10
CA VAL C 208 22.77 -12.25 -18.42
C VAL C 208 22.19 -13.67 -18.49
N GLY C 209 23.07 -14.66 -18.54
CA GLY C 209 22.63 -16.04 -18.65
C GLY C 209 22.02 -16.34 -20.01
N GLY C 210 21.54 -17.57 -20.19
CA GLY C 210 20.91 -17.99 -21.43
C GLY C 210 19.41 -17.79 -21.34
N ASN C 211 18.71 -18.10 -22.43
CA ASN C 211 17.26 -17.91 -22.47
C ASN C 211 16.55 -18.97 -21.67
N LEU C 212 15.40 -18.63 -21.09
CA LEU C 212 14.65 -19.56 -20.23
C LEU C 212 13.75 -20.52 -21.02
N ASP C 213 13.50 -20.20 -22.29
CA ASP C 213 12.68 -21.01 -23.15
C ASP C 213 13.01 -20.65 -24.58
N SER C 214 12.21 -21.19 -25.49
CA SER C 214 12.44 -20.92 -26.89
C SER C 214 11.13 -20.76 -27.60
N LYS C 215 10.99 -19.65 -28.31
CA LYS C 215 9.76 -19.44 -29.06
C LYS C 215 9.90 -18.53 -30.26
N GLY C 216 8.79 -18.14 -30.87
CA GLY C 216 8.87 -17.28 -32.07
C GLY C 216 7.73 -16.26 -32.16
N TYR C 217 7.92 -15.22 -32.99
CA TYR C 217 6.85 -14.24 -33.30
C TYR C 217 6.26 -14.60 -34.65
N GLY C 218 4.93 -14.49 -34.77
CA GLY C 218 4.25 -14.75 -36.01
C GLY C 218 3.35 -13.57 -36.35
N ILE C 219 3.03 -13.43 -37.63
CA ILE C 219 2.05 -12.48 -38.07
C ILE C 219 0.69 -13.13 -37.78
N ALA C 220 -0.26 -12.35 -37.28
CA ALA C 220 -1.53 -12.92 -36.93
C ALA C 220 -2.69 -12.34 -37.74
N THR C 221 -3.66 -13.23 -38.08
CA THR C 221 -4.93 -12.92 -38.78
C THR C 221 -6.11 -13.56 -38.06
N PRO C 222 -7.34 -13.03 -38.24
CA PRO C 222 -8.49 -13.67 -37.58
C PRO C 222 -8.65 -15.10 -38.08
N LYS C 223 -9.14 -16.00 -37.23
CA LYS C 223 -9.31 -17.42 -37.55
C LYS C 223 -10.06 -17.64 -38.89
N GLY C 224 -9.51 -18.52 -39.72
CA GLY C 224 -10.02 -18.73 -41.06
C GLY C 224 -10.08 -17.51 -41.99
N SER C 225 -9.17 -16.56 -41.83
CA SER C 225 -9.14 -15.40 -42.74
C SER C 225 -8.45 -15.78 -44.06
N SER C 226 -8.93 -15.17 -45.15
CA SER C 226 -8.30 -15.38 -46.45
C SER C 226 -6.81 -15.01 -46.47
N LEU C 227 -6.49 -13.82 -45.95
CA LEU C 227 -5.11 -13.32 -45.87
C LEU C 227 -4.07 -14.34 -45.41
N GLY C 228 -4.45 -15.15 -44.43
CA GLY C 228 -3.53 -16.02 -43.72
C GLY C 228 -2.65 -16.91 -44.57
N ASN C 229 -3.23 -17.56 -45.56
CA ASN C 229 -2.45 -18.47 -46.42
C ASN C 229 -1.33 -17.74 -47.12
N ALA C 230 -1.67 -16.59 -47.68
CA ALA C 230 -0.73 -15.83 -48.50
C ALA C 230 0.34 -15.15 -47.63
N VAL C 231 -0.04 -14.71 -46.42
CA VAL C 231 0.94 -14.08 -45.55
C VAL C 231 1.92 -15.15 -45.08
N ASN C 232 1.41 -16.33 -44.77
CA ASN C 232 2.30 -17.42 -44.38
C ASN C 232 3.31 -17.77 -45.46
N LEU C 233 2.84 -17.89 -46.69
CA LEU C 233 3.75 -18.03 -47.83
C LEU C 233 4.77 -16.90 -47.91
N ALA C 234 4.30 -15.65 -47.74
CA ALA C 234 5.18 -14.49 -47.78
C ALA C 234 6.29 -14.54 -46.74
N VAL C 235 5.95 -14.91 -45.50
CA VAL C 235 6.95 -14.97 -44.43
C VAL C 235 8.08 -15.93 -44.81
N LEU C 236 7.71 -17.11 -45.31
CA LEU C 236 8.71 -18.13 -45.68
C LEU C 236 9.61 -17.56 -46.80
N LYS C 237 8.99 -17.02 -47.83
CA LYS C 237 9.74 -16.33 -48.88
C LYS C 237 10.74 -15.28 -48.38
N LEU C 238 10.28 -14.35 -47.55
CA LEU C 238 11.21 -13.34 -47.06
C LEU C 238 12.40 -13.98 -46.31
N ASN C 239 12.15 -15.01 -45.51
CA ASN C 239 13.26 -15.54 -44.74
C ASN C 239 14.32 -16.12 -45.68
N GLU C 240 13.85 -16.90 -46.64
CA GLU C 240 14.71 -17.58 -47.62
C GLU C 240 15.43 -16.57 -48.52
N GLN C 241 14.82 -15.42 -48.79
CA GLN C 241 15.51 -14.40 -49.59
C GLN C 241 16.50 -13.60 -48.76
N GLY C 242 16.61 -13.97 -47.49
CA GLY C 242 17.53 -13.28 -46.60
C GLY C 242 17.03 -11.92 -46.13
N LEU C 243 15.83 -11.52 -46.54
CA LEU C 243 15.25 -10.22 -46.11
C LEU C 243 15.10 -10.07 -44.58
N LEU C 244 14.54 -11.07 -43.90
CA LEU C 244 14.42 -11.02 -42.42
C LEU C 244 15.76 -10.85 -41.66
N ASP C 245 16.81 -11.52 -42.13
CA ASP C 245 18.15 -11.29 -41.59
C ASP C 245 18.73 -9.88 -41.85
N LYS C 246 18.45 -9.32 -43.01
CA LYS C 246 18.90 -7.98 -43.33
C LYS C 246 18.18 -6.93 -42.43
N LEU C 247 16.89 -7.11 -42.24
CA LEU C 247 16.11 -6.24 -41.35
C LEU C 247 16.60 -6.33 -39.92
N LYS C 248 17.05 -7.50 -39.48
CA LYS C 248 17.54 -7.58 -38.10
C LYS C 248 18.90 -6.90 -37.90
N ASN C 249 19.75 -6.96 -38.92
CA ASN C 249 21.04 -6.24 -38.84
C ASN C 249 20.80 -4.75 -38.84
N LYS C 250 19.83 -4.32 -39.66
CA LYS C 250 19.54 -2.90 -39.82
C LYS C 250 19.07 -2.31 -38.49
N TRP C 251 18.13 -2.96 -37.84
CA TRP C 251 17.47 -2.38 -36.65
C TRP C 251 18.12 -2.65 -35.30
N TRP C 252 18.91 -3.71 -35.21
CA TRP C 252 19.57 -3.99 -33.92
C TRP C 252 21.02 -3.50 -33.82
N TYR C 253 21.83 -3.88 -34.81
CA TYR C 253 23.28 -3.82 -34.69
C TYR C 253 23.94 -2.71 -35.48
N ASP C 254 23.42 -2.42 -36.69
CA ASP C 254 23.80 -1.19 -37.41
C ASP C 254 23.45 0.00 -36.51
N LYS C 255 22.44 -0.22 -35.68
CA LYS C 255 21.99 0.76 -34.69
C LYS C 255 22.97 1.00 -33.52
N GLY C 256 23.74 -0.04 -33.16
CA GLY C 256 24.63 -0.03 -32.01
C GLY C 256 25.20 1.29 -31.52
N GLU C 257 25.11 1.54 -30.22
CA GLU C 257 25.67 2.75 -29.62
C GLU C 257 26.65 2.51 -28.48
N CYS C 258 26.87 1.26 -28.07
CA CYS C 258 27.76 0.98 -26.95
C CYS C 258 28.93 0.10 -27.37
N GLU D . -5.02 -8.54 19.68
CA GLU D . -4.86 -9.88 19.11
C GLU D . -6.18 -10.34 18.46
O GLU D . -6.28 -11.48 17.98
CB GLU D . -4.51 -10.89 20.19
CG GLU D . -3.09 -10.75 20.71
CD GLU D . -2.09 -11.44 19.80
OE1 GLU D . -0.88 -11.21 20.05
OE2 GLU D . -2.51 -12.21 18.87
OXT GLU D . -7.13 -9.58 18.45
N01 PZI E . -6.01 4.82 25.28
C02 PZI E . -5.68 5.21 23.93
O03 PZI E . -6.29 4.73 23.03
C04 PZI E . -4.54 6.24 23.72
N05 PZI E . -4.29 6.68 22.27
C06 PZI E . -3.57 5.77 21.24
C07 PZI E . -4.00 6.30 19.88
C08 PZI E . -5.37 6.96 20.13
C09 PZI E . -5.25 7.64 21.52
O10 PZI E . -5.18 9.04 21.62
N01 PZI F . -1.89 9.61 26.61
C02 PZI F . -1.09 9.78 25.39
O03 PZI F . -0.28 8.95 25.13
C04 PZI F . -1.26 11.05 24.54
N05 PZI F . -0.58 11.12 23.17
C06 PZI F . 0.76 10.40 22.87
C07 PZI F . 0.98 10.48 21.37
C08 PZI F . -0.33 11.07 20.80
C09 PZI F . -1.40 10.91 21.90
O10 PZI F . -2.66 11.48 21.78
N01 PZI G . -6.77 0.01 11.67
N01 PZI G . -4.23 1.70 15.18
C02 PZI G . -5.43 0.01 11.14
C02 PZI G . -4.15 2.26 13.84
O03 PZI G . -5.24 -0.44 10.05
O03 PZI G . -4.61 3.32 13.69
C04 PZI G . -4.35 0.71 12.01
C04 PZI G . -4.25 1.29 12.67
N05 PZI G . -2.86 0.90 11.61
N05 PZI G . -3.27 1.35 11.50
C06 PZI G . -1.80 1.42 12.60
C06 PZI G . -3.11 0.16 10.55
C07 PZI G . -1.36 2.77 12.03
C07 PZI G . -2.01 0.58 9.62
C08 PZI G . -2.02 2.86 10.63
C08 PZI G . -2.26 2.09 9.40
C09 PZI G . -2.33 1.40 10.26
C09 PZI G . -2.92 2.62 10.70
O10 PZI G . -2.93 1.08 9.04
O10 PZI G . -2.44 3.78 11.30
ZN ZN H . -12.58 -15.06 42.35
ZN ZN I . -17.83 12.03 27.63
N GLU J . -4.47 16.48 6.99
CA GLU J . -5.10 17.78 7.32
C GLU J . -6.55 17.74 6.90
O GLU J . -7.35 18.67 7.17
CB GLU J . -4.42 18.96 6.61
CG GLU J . -3.14 19.49 7.31
CD GLU J . -3.41 20.14 8.67
OE1 GLU J . -2.42 20.37 9.42
OE2 GLU J . -4.59 20.47 8.97
OXT GLU J . -6.93 16.74 6.28
N01 PZI K . -8.48 6.97 12.58
N01 PZI K . -4.16 6.43 11.63
C02 PZI K . -7.95 7.12 13.92
C02 PZI K . -4.46 5.92 12.95
O03 PZI K . -8.71 7.20 14.82
O03 PZI K . -3.74 5.10 13.37
C04 PZI K . -6.47 6.79 14.12
C04 PZI K . -5.85 6.14 13.57
N05 PZI K . -5.81 7.01 15.50
N05 PZI K . -5.96 6.35 15.09
C06 PZI K . -4.29 7.00 15.72
C06 PZI K . -6.69 7.53 15.74
C07 PZI K . -4.05 5.75 16.55
C07 PZI K . -6.44 7.38 17.21
C08 PZI K . -5.40 5.42 17.21
C08 PZI K . -6.46 5.85 17.39
C09 PZI K . -6.40 6.55 16.83
C09 PZI K . -5.68 5.29 16.17
O10 PZI K . -7.79 6.34 16.95
O10 PZI K . -4.37 4.84 16.36
N01 PZI L . 3.30 4.81 4.52
C02 PZI L . 2.62 4.28 5.66
O03 PZI L . 1.45 4.11 5.55
C04 PZI L . 3.41 3.49 6.68
N05 PZI L . 2.53 2.82 7.75
C06 PZI L . 1.89 3.62 8.91
C07 PZI L . 1.00 2.59 9.60
C08 PZI L . 0.52 1.67 8.47
C09 PZI L . 1.73 1.51 7.52
O10 PZI L . 2.35 0.24 7.40
N01 PZI M . 8.93 0.90 7.59
C02 PZI M . 8.24 0.90 8.88
O03 PZI M . 7.82 1.92 9.34
C04 PZI M . 8.01 -0.45 9.55
N05 PZI M . 7.35 -0.37 10.93
C06 PZI M . 7.84 0.55 12.06
C07 PZI M . 6.66 0.83 12.97
C08 PZI M . 5.67 -0.30 12.62
C09 PZI M . 5.84 -0.54 11.10
O10 PZI M . 5.19 -1.61 10.47
ZN ZN N . 5.84 22.72 -13.09
ZN ZN O . -0.22 -4.88 -5.40
N GLU P . 5.83 -10.72 -27.14
CA GLU P . 4.99 -10.76 -25.94
C GLU P . 3.53 -11.12 -26.24
O GLU P . 2.68 -11.23 -25.37
CB GLU P . 5.06 -9.43 -25.16
CG GLU P . 6.41 -9.25 -24.37
CD GLU P . 6.48 -10.09 -23.07
OE1 GLU P . 7.61 -10.19 -22.50
OE2 GLU P . 5.42 -10.61 -22.60
OXT GLU P . 3.23 -11.38 -27.38
N01 PZI Q . 15.22 -9.74 -38.27
C02 PZI Q . 15.00 -11.18 -38.20
O03 PZI Q . 13.89 -11.59 -38.10
C04 PZI Q . 16.17 -12.14 -38.09
N05 PZI Q . 15.75 -13.61 -38.09
C06 PZI Q . 15.41 -14.44 -36.83
C07 PZI Q . 15.28 -15.83 -37.41
C08 PZI Q . 14.57 -15.48 -38.73
C09 PZI Q . 15.46 -14.42 -39.37
O10 PZI Q . 16.53 -14.87 -40.18
N01 PZI R . 9.94 -22.12 -39.31
N01 PZI R . 12.73 -22.92 -35.82
C02 PZI R . 11.21 -21.45 -39.41
C02 PZI R . 12.46 -21.61 -36.36
O03 PZI R . 11.51 -21.00 -40.48
O03 PZI R . 12.30 -20.70 -35.63
C04 PZI R . 11.91 -20.95 -38.15
C04 PZI R . 12.27 -21.37 -37.85
N05 PZI R . 13.08 -19.96 -38.36
N05 PZI R . 12.66 -19.95 -38.30
C06 PZI R . 14.26 -19.92 -37.40
C06 PZI R . 12.97 -19.56 -39.74
C07 PZI R . 13.98 -18.69 -36.56
C07 PZI R . 13.40 -18.12 -39.64
C08 PZI R . 12.91 -17.87 -37.31
C08 PZI R . 12.51 -17.53 -38.54
C09 PZI R . 12.91 -18.48 -38.72
C09 PZI R . 12.33 -18.67 -37.51
O10 PZI R . 12.02 -18.01 -39.72
O10 PZI R . 12.64 -18.50 -36.16
N01 PZI S . 21.23 -11.02 -39.41
C02 PZI S . 21.59 -12.32 -38.86
O03 PZI S . 21.79 -12.41 -37.68
C04 PZI S . 21.64 -13.55 -39.78
N05 PZI S . 21.86 -14.90 -39.09
C06 PZI S . 22.47 -14.97 -37.68
C07 PZI S . 22.03 -16.33 -37.13
C08 PZI S . 21.61 -17.10 -38.38
C09 PZI S . 20.82 -16.02 -39.14
O10 PZI S . 20.08 -16.32 -40.28
ZN ZN T . 10.81 -9.27 -51.59
#